data_7G4S
#
_entry.id   7G4S
#
_cell.length_a   84.068
_cell.length_b   92.015
_cell.length_c   119.962
_cell.angle_alpha   90.00
_cell.angle_beta   90.00
_cell.angle_gamma   90.00
#
_symmetry.space_group_name_H-M   'P 21 21 21'
#
loop_
_entity.id
_entity.type
_entity.pdbx_description
1 polymer 'Isoform 2 of Ectonucleotide pyrophosphatase/phosphodiesterase family member 2'
2 branched alpha-D-mannopyranose-(1-2)-alpha-D-mannopyranose-(1-3)-alpha-D-mannopyranose-(1-6)-[alpha-D-mannopyranose-(1-3)]beta-D-mannopyranose-(1-4)-2-acetamido-2-deoxy-beta-D-glucopyranose-(1-4)-2-acetamido-2-deoxy-beta-D-glucopyranose
3 non-polymer (8R)-3-(4-chlorophenyl)-5-methyl-N-{[(2S)-oxolan-2-yl]methyl}pyrazolo[1,5-a]pyrimidin-7-amine
4 non-polymer (8R)-3-(4-chlorophenyl)-5-methyl-N-{[(2R)-oxolan-2-yl]methyl}pyrazolo[1,5-a]pyrimidin-7-amine
5 non-polymer 'ZINC ION'
6 non-polymer 'SODIUM ION'
7 non-polymer 'CALCIUM ION'
8 non-polymer 'MALONATE ION'
9 water water
#
_entity_poly.entity_id   1
_entity_poly.type   'polypeptide(L)'
_entity_poly.pdbx_seq_one_letter_code
;FTASRIKRAEWDEGPPTVLSDSPWTATSGSCKGRCFELQEVGPPDCRCDNLCKSYSSCCHDFDELCLKTARGWECTKDRC
GEVRNEENACHCSEDCLSRGDCCTNYQVVCKGESHWVDDDCEEIKVPECPAGFVRPPLIIFSVDGFRASYMKKGSKVMPN
IEKLRSCGTHAPYMRPVYPTKTFPNLYTLATGLYPESHGIVGNSMYDPVFDASFHLRGREKFNHRWWGGQPLWITATKQG
VRAGTFFWSVSIPHERRILTILQWLSLPDNERPSVYAFYSEQPDFSGHKYGPFGPEMTNPLREIDKTVGQLMDGLKQLRL
HRCVNVIFVGDHGMEDVTCDRTEFLSNYLTNVDDITLVPGTLGRIRAKSINNSKYDPKTIIAALTCKKPDQHFKPYMKQH
LPKRLHYANNRRIEDIHLLVDRRWHVARKPLDVYKKPSGKCFFQGDHGFDNKVNSMQTVFVGYGPTFKYRTKVPPFENIE
LYNVMCDLLGLKPAPNNGTHGSLNHLLRTNTFRPTMPDEVSRPNYPGIMYLQSEFDLGCTCDDKVEPKNKLEELNKRLHT
KGSTKERHLLYGRPAVLYRTSYDILYHTDFESGYSEIFLMPLWTSYTISKQAEVSSIPEHLTNCVRPDVRVSPGFSQNCL
AYKNDKQMSYGFLFPPYLSSSPEAKYDAFLVTNMVPMYPAFKRVWAYFQRVLVKKYASERNGVNVISGPIFDYNYDGLRD
TEDEIKQYVEGSSIPVPTHYYSIITSCLDFTQPADKCDGPLSVSSFILPHRPDNDESCNSSEDESKWVEELMKMHTARVR
DIEHLTGLDFYRKTSRSYSEILTLKTYLHTYESEIGGRHHHHHHHH
;
_entity_poly.pdbx_strand_id   A
#
loop_
_chem_comp.id
_chem_comp.type
_chem_comp.name
_chem_comp.formula
BMA D-saccharide, beta linking beta-D-mannopyranose 'C6 H12 O6'
CA non-polymer 'CALCIUM ION' 'Ca 2'
MAN D-saccharide, alpha linking alpha-D-mannopyranose 'C6 H12 O6'
MLI non-polymer 'MALONATE ION' 'C3 H2 O4 -2'
NA non-polymer 'SODIUM ION' 'Na 1'
NAG D-saccharide, beta linking 2-acetamido-2-deoxy-beta-D-glucopyranose 'C8 H15 N O6'
YAB non-polymer (8R)-3-(4-chlorophenyl)-5-methyl-N-{[(2S)-oxolan-2-yl]methyl}pyrazolo[1,5-a]pyrimidin-7-amine 'C18 H19 Cl N4 O'
ZIF non-polymer (8R)-3-(4-chlorophenyl)-5-methyl-N-{[(2R)-oxolan-2-yl]methyl}pyrazolo[1,5-a]pyrimidin-7-amine 'C18 H19 Cl N4 O'
ZN non-polymer 'ZINC ION' 'Zn 2'
#
# COMPACT_ATOMS: atom_id res chain seq x y z
N TRP A 24 29.12 0.69 -28.77
CA TRP A 24 30.36 -0.14 -28.93
C TRP A 24 30.92 -0.62 -27.59
N THR A 25 31.25 -1.91 -27.50
CA THR A 25 32.04 -2.46 -26.39
C THR A 25 33.31 -3.16 -26.91
N ALA A 26 34.46 -2.70 -26.44
CA ALA A 26 35.75 -3.27 -26.77
C ALA A 26 36.02 -4.48 -25.87
N THR A 27 35.34 -5.59 -26.16
CA THR A 27 35.30 -6.76 -25.25
C THR A 27 36.64 -7.53 -25.12
N SER A 28 37.70 -6.92 -25.67
CA SER A 28 39.09 -7.43 -25.69
C SER A 28 39.86 -7.25 -24.37
N GLY A 29 39.32 -6.45 -23.44
CA GLY A 29 39.79 -6.47 -22.04
C GLY A 29 39.48 -7.81 -21.38
N SER A 30 39.82 -7.95 -20.11
CA SER A 30 39.74 -9.23 -19.40
C SER A 30 39.09 -9.08 -18.01
N CYS A 31 38.43 -10.15 -17.53
CA CYS A 31 37.79 -10.18 -16.20
C CYS A 31 38.70 -10.73 -15.10
N LYS A 32 39.94 -11.06 -15.49
CA LYS A 32 40.97 -11.51 -14.56
C LYS A 32 41.02 -10.60 -13.32
N GLY A 33 40.92 -11.23 -12.15
CA GLY A 33 40.75 -10.50 -10.88
C GLY A 33 39.61 -9.49 -10.76
N ARG A 34 38.58 -9.56 -11.62
CA ARG A 34 37.48 -8.57 -11.63
C ARG A 34 36.10 -9.24 -11.55
N CYS A 35 36.03 -10.52 -11.23
CA CYS A 35 34.77 -11.24 -11.39
C CYS A 35 33.77 -10.68 -10.40
N PHE A 36 32.62 -10.22 -10.91
CA PHE A 36 31.55 -9.64 -10.08
C PHE A 36 32.06 -8.44 -9.30
N GLU A 37 32.83 -7.61 -10.00
CA GLU A 37 33.35 -6.37 -9.46
C GLU A 37 32.17 -5.46 -9.07
N LEU A 38 32.35 -4.70 -8.01
CA LEU A 38 31.24 -3.94 -7.42
C LEU A 38 30.83 -2.63 -8.11
N GLN A 39 31.77 -1.91 -8.73
CA GLN A 39 31.38 -0.72 -9.51
C GLN A 39 31.50 -1.08 -10.98
N GLU A 40 30.45 -0.82 -11.74
CA GLU A 40 30.45 -1.20 -13.14
C GLU A 40 31.32 -0.19 -13.90
N VAL A 41 31.99 -0.65 -14.94
CA VAL A 41 32.83 0.27 -15.69
C VAL A 41 32.08 0.88 -16.88
N GLY A 42 32.46 2.11 -17.22
CA GLY A 42 31.82 2.87 -18.27
C GLY A 42 32.31 2.41 -19.63
N PRO A 43 31.44 2.50 -20.65
CA PRO A 43 31.80 2.17 -22.04
C PRO A 43 33.05 2.95 -22.53
N PRO A 44 33.76 2.41 -23.54
CA PRO A 44 33.53 1.09 -24.15
C PRO A 44 34.40 -0.03 -23.56
N ASP A 45 34.86 0.14 -22.31
CA ASP A 45 35.60 -0.93 -21.60
C ASP A 45 34.62 -2.02 -21.24
N CYS A 46 35.07 -3.28 -21.35
CA CYS A 46 34.19 -4.42 -21.09
C CYS A 46 33.95 -4.64 -19.60
N ARG A 47 32.82 -5.25 -19.29
CA ARG A 47 32.35 -5.24 -17.92
C ARG A 47 32.44 -6.65 -17.38
N CYS A 48 32.54 -6.77 -16.05
CA CYS A 48 32.60 -8.06 -15.33
C CYS A 48 31.60 -8.12 -14.15
N ASP A 49 30.68 -7.16 -14.10
CA ASP A 49 29.66 -7.03 -12.99
C ASP A 49 28.45 -7.98 -13.17
N ASN A 50 27.62 -8.16 -12.15
CA ASN A 50 26.54 -9.14 -12.31
CA ASN A 50 26.52 -9.13 -12.31
C ASN A 50 25.45 -8.80 -13.34
N LEU A 51 25.51 -7.62 -13.95
CA LEU A 51 24.61 -7.29 -15.05
C LEU A 51 25.23 -7.26 -16.47
N CYS A 52 26.53 -7.50 -16.61
CA CYS A 52 27.15 -7.37 -17.94
C CYS A 52 26.42 -8.24 -19.00
N LYS A 53 25.94 -9.42 -18.61
CA LYS A 53 25.23 -10.30 -19.57
C LYS A 53 23.99 -9.63 -20.14
N SER A 54 23.28 -8.89 -19.28
CA SER A 54 22.04 -8.21 -19.65
C SER A 54 22.26 -7.11 -20.69
N TYR A 55 23.44 -6.48 -20.63
CA TYR A 55 23.83 -5.43 -21.57
C TYR A 55 24.65 -5.90 -22.77
N SER A 56 24.76 -7.21 -23.00
CA SER A 56 25.69 -7.78 -24.01
C SER A 56 27.08 -7.13 -23.95
N SER A 57 27.69 -7.09 -22.77
CA SER A 57 28.87 -6.26 -22.63
C SER A 57 30.00 -6.87 -21.82
N CYS A 58 29.91 -8.14 -21.46
CA CYS A 58 30.93 -8.77 -20.63
C CYS A 58 32.22 -8.91 -21.43
N CYS A 59 33.36 -8.87 -20.73
CA CYS A 59 34.61 -9.23 -21.39
C CYS A 59 34.49 -10.63 -21.98
N HIS A 60 35.30 -10.88 -23.02
CA HIS A 60 35.40 -12.19 -23.68
C HIS A 60 35.59 -13.40 -22.75
N ASP A 61 36.29 -13.21 -21.61
CA ASP A 61 36.64 -14.32 -20.68
C ASP A 61 35.74 -14.42 -19.44
N PHE A 62 34.64 -13.66 -19.46
CA PHE A 62 33.70 -13.66 -18.32
C PHE A 62 33.18 -15.07 -18.03
N ASP A 63 32.70 -15.80 -19.04
CA ASP A 63 32.19 -17.15 -18.77
C ASP A 63 33.25 -18.04 -18.17
N GLU A 64 34.44 -18.02 -18.78
CA GLU A 64 35.54 -18.90 -18.35
C GLU A 64 35.97 -18.59 -16.90
N LEU A 65 36.13 -17.31 -16.60
CA LEU A 65 36.66 -16.92 -15.30
C LEU A 65 35.56 -16.82 -14.22
N CYS A 66 34.43 -16.22 -14.57
CA CYS A 66 33.42 -15.85 -13.58
C CYS A 66 32.25 -16.80 -13.45
N LEU A 67 32.05 -17.67 -14.44
CA LEU A 67 30.93 -18.61 -14.36
C LEU A 67 31.38 -20.09 -14.41
N LYS A 68 32.43 -20.42 -13.64
CA LYS A 68 32.92 -21.79 -13.56
C LYS A 68 31.81 -22.68 -13.01
N THR A 69 31.67 -23.86 -13.58
CA THR A 69 30.64 -24.79 -13.18
C THR A 69 31.24 -26.17 -12.92
N ALA A 70 32.52 -26.36 -13.23
CA ALA A 70 33.16 -27.67 -13.09
C ALA A 70 32.98 -28.30 -11.72
N ARG A 71 32.54 -29.54 -11.75
CA ARG A 71 32.38 -30.37 -10.56
C ARG A 71 31.12 -29.97 -9.76
N GLY A 72 30.34 -29.02 -10.26
CA GLY A 72 29.07 -28.67 -9.63
C GLY A 72 29.20 -27.90 -8.32
N TRP A 73 28.18 -28.02 -7.46
CA TRP A 73 28.04 -27.07 -6.36
C TRP A 73 28.24 -27.61 -4.97
N GLU A 74 28.41 -28.92 -4.85
CA GLU A 74 28.53 -29.56 -3.53
C GLU A 74 29.85 -30.31 -3.33
N CYS A 75 30.44 -30.20 -2.15
CA CYS A 75 31.59 -31.04 -1.79
C CYS A 75 31.09 -32.47 -1.64
N THR A 76 31.95 -33.43 -1.97
CA THR A 76 31.70 -34.84 -1.66
C THR A 76 32.93 -35.34 -0.90
N LYS A 77 32.75 -36.44 -0.16
CA LYS A 77 33.80 -37.04 0.70
C LYS A 77 35.19 -37.07 0.07
N ASP A 78 35.26 -37.51 -1.18
CA ASP A 78 36.55 -37.66 -1.86
C ASP A 78 37.24 -36.35 -2.26
N ARG A 79 36.48 -35.25 -2.36
CA ARG A 79 37.07 -33.94 -2.63
C ARG A 79 37.67 -33.33 -1.35
N CYS A 80 37.33 -33.89 -0.21
CA CYS A 80 37.77 -33.29 1.06
C CYS A 80 39.29 -33.22 1.10
N GLY A 81 39.82 -32.02 1.33
CA GLY A 81 41.27 -31.83 1.37
C GLY A 81 41.99 -31.87 0.02
N GLU A 82 41.25 -32.01 -1.07
CA GLU A 82 41.78 -31.95 -2.44
C GLU A 82 42.84 -30.86 -2.63
N VAL A 83 43.65 -31.02 -3.68
CA VAL A 83 44.55 -29.98 -4.14
C VAL A 83 43.71 -28.94 -4.87
N ARG A 84 43.90 -27.65 -4.53
CA ARG A 84 43.15 -26.58 -5.17
C ARG A 84 43.27 -26.66 -6.71
N ASN A 85 42.13 -26.74 -7.38
CA ASN A 85 42.06 -26.68 -8.83
C ASN A 85 41.18 -25.49 -9.20
N GLU A 86 41.79 -24.40 -9.64
CA GLU A 86 41.07 -23.15 -9.90
C GLU A 86 39.91 -23.28 -10.88
N GLU A 87 39.86 -24.38 -11.64
CA GLU A 87 38.76 -24.64 -12.57
C GLU A 87 37.41 -24.96 -11.92
N ASN A 88 37.44 -25.40 -10.68
CA ASN A 88 36.23 -25.90 -10.05
C ASN A 88 35.26 -24.76 -9.73
N ALA A 89 33.97 -25.05 -9.80
CA ALA A 89 32.94 -24.05 -9.43
C ALA A 89 33.14 -23.56 -8.00
N CYS A 90 33.47 -24.47 -7.10
CA CYS A 90 33.73 -24.11 -5.72
C CYS A 90 34.73 -25.10 -5.15
N HIS A 91 35.20 -24.89 -3.93
CA HIS A 91 36.38 -25.66 -3.49
C HIS A 91 36.15 -26.45 -2.23
N CYS A 92 36.93 -27.52 -2.09
CA CYS A 92 36.86 -28.39 -0.94
C CYS A 92 38.26 -28.63 -0.35
N SER A 93 39.20 -27.78 -0.73
CA SER A 93 40.58 -27.90 -0.28
C SER A 93 40.73 -27.26 1.09
N GLU A 94 41.84 -27.54 1.77
CA GLU A 94 42.08 -26.97 3.10
C GLU A 94 42.08 -25.45 3.10
N ASP A 95 42.53 -24.85 2.00
CA ASP A 95 42.66 -23.39 1.96
C ASP A 95 41.35 -22.64 1.70
N CYS A 96 40.25 -23.34 1.43
CA CYS A 96 39.05 -22.65 0.89
C CYS A 96 38.43 -21.62 1.86
N LEU A 97 38.44 -21.91 3.17
CA LEU A 97 37.85 -21.00 4.15
C LEU A 97 38.58 -19.67 4.14
N SER A 98 39.91 -19.67 4.10
CA SER A 98 40.66 -18.40 4.02
C SER A 98 40.44 -17.69 2.69
N ARG A 99 40.26 -18.45 1.61
CA ARG A 99 39.98 -17.90 0.27
C ARG A 99 38.52 -17.41 0.14
N GLY A 100 37.64 -17.86 1.05
CA GLY A 100 36.19 -17.54 1.04
C GLY A 100 35.40 -18.12 -0.12
N ASP A 101 35.89 -19.20 -0.71
CA ASP A 101 35.24 -19.82 -1.86
C ASP A 101 35.03 -21.33 -1.72
N CYS A 102 34.83 -21.81 -0.49
CA CYS A 102 34.39 -23.20 -0.34
C CYS A 102 32.98 -23.40 -0.93
N CYS A 103 32.67 -24.65 -1.27
CA CYS A 103 31.26 -25.05 -1.46
C CYS A 103 30.50 -24.85 -0.16
N THR A 104 29.21 -24.60 -0.28
CA THR A 104 28.45 -24.14 0.89
C THR A 104 28.33 -25.28 1.89
N ASN A 105 28.48 -26.52 1.43
CA ASN A 105 28.37 -27.69 2.32
C ASN A 105 29.75 -28.28 2.74
N TYR A 106 30.80 -27.51 2.53
CA TYR A 106 32.17 -27.96 2.85
C TYR A 106 32.36 -28.46 4.28
N GLN A 107 32.03 -27.62 5.27
CA GLN A 107 32.13 -28.03 6.66
C GLN A 107 31.26 -29.20 7.04
N VAL A 108 30.08 -29.29 6.43
CA VAL A 108 29.20 -30.41 6.69
C VAL A 108 29.82 -31.71 6.17
N VAL A 109 30.20 -31.73 4.90
CA VAL A 109 30.79 -32.93 4.30
C VAL A 109 32.17 -33.30 4.88
N CYS A 110 33.05 -32.32 5.02
CA CYS A 110 34.48 -32.54 5.25
C CYS A 110 34.93 -32.23 6.66
N LYS A 111 34.06 -31.67 7.48
CA LYS A 111 34.49 -31.32 8.84
C LYS A 111 33.51 -31.78 9.90
N GLY A 112 32.61 -32.71 9.53
CA GLY A 112 31.61 -33.22 10.46
C GLY A 112 30.65 -32.20 11.07
N GLU A 113 30.47 -31.03 10.44
CA GLU A 113 29.51 -30.03 10.92
C GLU A 113 28.06 -30.37 10.56
N SER A 114 27.09 -29.77 11.26
CA SER A 114 25.67 -29.98 10.88
C SER A 114 25.18 -28.89 9.91
N HIS A 115 24.14 -29.19 9.14
CA HIS A 115 23.46 -28.12 8.34
C HIS A 115 22.82 -27.12 9.29
N TRP A 116 22.77 -25.85 8.89
CA TRP A 116 22.05 -24.86 9.68
C TRP A 116 20.62 -25.32 10.05
N VAL A 117 19.87 -25.87 9.09
CA VAL A 117 18.45 -26.24 9.34
C VAL A 117 18.26 -27.35 10.38
N ASP A 118 19.31 -28.12 10.57
CA ASP A 118 19.27 -29.17 11.58
C ASP A 118 19.55 -28.69 12.98
N ASP A 119 20.08 -27.49 13.14
CA ASP A 119 20.35 -26.95 14.48
C ASP A 119 19.08 -26.44 15.12
N ASP A 120 18.93 -26.67 16.42
CA ASP A 120 17.83 -26.10 17.22
C ASP A 120 17.84 -24.60 17.07
N CYS A 121 16.70 -23.93 17.13
CA CYS A 121 16.93 -22.50 17.16
C CYS A 121 17.13 -21.93 18.52
N GLU A 122 17.97 -20.92 18.56
CA GLU A 122 18.44 -20.38 19.82
C GLU A 122 18.32 -18.93 19.52
N GLU A 123 17.67 -18.23 20.43
CA GLU A 123 17.50 -16.80 20.33
C GLU A 123 18.80 -16.06 20.08
N ILE A 124 18.75 -15.05 19.23
CA ILE A 124 19.92 -14.24 18.96
C ILE A 124 19.68 -12.94 19.65
N LYS A 125 20.19 -12.84 20.87
CA LYS A 125 19.90 -11.71 21.73
C LYS A 125 20.77 -10.53 21.38
N VAL A 126 22.00 -10.80 20.93
CA VAL A 126 22.90 -9.76 20.51
C VAL A 126 23.62 -10.21 19.26
N PRO A 127 24.11 -9.29 18.46
CA PRO A 127 24.85 -9.80 17.29
C PRO A 127 26.17 -10.45 17.71
N GLU A 128 26.51 -11.56 17.07
CA GLU A 128 27.75 -12.29 17.32
C GLU A 128 28.55 -12.23 16.06
N CYS A 129 29.33 -11.16 15.90
CA CYS A 129 29.96 -10.90 14.61
C CYS A 129 31.49 -11.13 14.71
N PRO A 130 32.16 -11.52 13.61
CA PRO A 130 33.63 -11.55 13.56
C PRO A 130 34.24 -10.17 13.76
N ALA A 131 35.50 -10.12 14.18
CA ALA A 131 36.20 -8.85 14.35
C ALA A 131 36.19 -8.09 13.04
N GLY A 132 36.04 -6.78 13.12
CA GLY A 132 36.10 -5.92 11.96
C GLY A 132 34.76 -5.63 11.29
N PHE A 133 33.69 -6.33 11.72
CA PHE A 133 32.30 -6.01 11.30
C PHE A 133 31.72 -4.83 12.11
N VAL A 134 31.52 -3.65 11.46
CA VAL A 134 30.96 -2.42 12.14
C VAL A 134 29.47 -2.51 12.51
N ARG A 135 28.72 -3.30 11.74
CA ARG A 135 27.27 -3.40 11.90
C ARG A 135 26.90 -4.76 11.35
N PRO A 136 25.80 -5.34 11.83
CA PRO A 136 25.28 -6.58 11.22
C PRO A 136 24.92 -6.32 9.74
N PRO A 137 25.42 -7.15 8.83
CA PRO A 137 25.03 -6.95 7.44
C PRO A 137 23.55 -7.33 7.23
N LEU A 138 22.95 -6.81 6.16
CA LEU A 138 21.59 -7.11 5.80
C LEU A 138 21.60 -7.89 4.48
N ILE A 139 20.92 -9.03 4.44
CA ILE A 139 20.76 -9.76 3.17
C ILE A 139 19.28 -9.91 2.85
N ILE A 140 18.88 -9.40 1.67
CA ILE A 140 17.49 -9.49 1.27
C ILE A 140 17.36 -10.66 0.31
N PHE A 141 16.51 -11.63 0.61
CA PHE A 141 16.35 -12.78 -0.27
C PHE A 141 14.96 -12.58 -0.89
N SER A 142 14.88 -12.08 -2.14
CA SER A 142 13.58 -11.76 -2.71
C SER A 142 13.17 -12.82 -3.73
N VAL A 143 11.93 -13.27 -3.61
CA VAL A 143 11.39 -14.35 -4.43
C VAL A 143 10.21 -13.80 -5.27
N ASP A 144 10.25 -14.03 -6.58
CA ASP A 144 9.18 -13.55 -7.50
C ASP A 144 8.00 -14.51 -7.48
N GLY A 145 6.79 -13.98 -7.28
CA GLY A 145 5.55 -14.76 -7.36
C GLY A 145 5.28 -15.71 -6.18
N PHE A 146 5.88 -15.42 -5.02
CA PHE A 146 5.75 -16.27 -3.85
C PHE A 146 4.50 -15.85 -3.03
N ARG A 147 3.42 -16.51 -3.32
CA ARG A 147 2.14 -16.31 -2.74
C ARG A 147 2.15 -16.64 -1.25
N ALA A 148 1.50 -15.78 -0.46
CA ALA A 148 1.52 -15.92 0.99
C ALA A 148 1.10 -17.32 1.47
N SER A 149 0.15 -17.96 0.80
CA SER A 149 -0.26 -19.26 1.36
C SER A 149 0.72 -20.39 1.13
N TYR A 150 1.74 -20.14 0.32
CA TYR A 150 2.80 -21.17 0.19
C TYR A 150 3.46 -21.51 1.54
N MET A 151 3.51 -20.54 2.47
CA MET A 151 4.19 -20.74 3.77
C MET A 151 3.50 -21.85 4.55
N LYS A 152 2.19 -21.94 4.41
CA LYS A 152 1.42 -23.04 5.05
C LYS A 152 1.37 -24.24 4.09
N LYS A 153 0.92 -23.99 2.87
CA LYS A 153 0.66 -25.09 1.91
C LYS A 153 1.90 -25.85 1.45
N GLY A 154 3.06 -25.19 1.38
CA GLY A 154 4.29 -25.87 0.95
C GLY A 154 5.22 -26.19 2.11
N SER A 155 4.73 -26.09 3.34
CA SER A 155 5.60 -26.18 4.53
C SER A 155 6.41 -27.45 4.59
N LYS A 156 5.85 -28.55 4.06
CA LYS A 156 6.52 -29.87 4.11
C LYS A 156 7.77 -29.96 3.29
N VAL A 157 7.87 -29.12 2.29
CA VAL A 157 8.99 -29.19 1.38
C VAL A 157 9.92 -27.96 1.49
N MET A 158 9.69 -27.09 2.49
CA MET A 158 10.56 -25.91 2.69
C MET A 158 11.14 -25.82 4.10
N PRO A 159 11.91 -26.85 4.55
CA PRO A 159 12.42 -26.77 5.95
C PRO A 159 13.30 -25.58 6.33
N ASN A 160 14.15 -25.10 5.43
CA ASN A 160 14.98 -23.94 5.75
C ASN A 160 14.13 -22.66 5.91
N ILE A 161 13.23 -22.45 4.95
CA ILE A 161 12.34 -21.29 5.01
C ILE A 161 11.39 -21.39 6.22
N GLU A 162 10.91 -22.61 6.53
CA GLU A 162 10.06 -22.80 7.70
C GLU A 162 10.80 -22.53 9.00
N LYS A 163 12.09 -22.85 9.04
CA LYS A 163 12.87 -22.52 10.24
C LYS A 163 13.06 -20.99 10.35
N LEU A 164 13.40 -20.33 9.25
CA LEU A 164 13.54 -18.85 9.31
C LEU A 164 12.23 -18.27 9.88
N ARG A 165 11.13 -18.76 9.35
CA ARG A 165 9.81 -18.20 9.68
C ARG A 165 9.45 -18.43 11.13
N SER A 166 9.65 -19.67 11.59
CA SER A 166 9.24 -20.01 12.97
C SER A 166 10.21 -19.42 14.00
N CYS A 167 11.49 -19.29 13.66
CA CYS A 167 12.47 -18.76 14.65
C CYS A 167 12.53 -17.23 14.69
N GLY A 168 12.23 -16.61 13.56
CA GLY A 168 12.39 -15.17 13.48
C GLY A 168 11.06 -14.46 13.68
N THR A 169 10.86 -13.36 12.93
CA THR A 169 9.67 -12.57 12.94
C THR A 169 8.94 -12.79 11.60
N HIS A 170 7.67 -13.08 11.64
CA HIS A 170 6.97 -13.26 10.35
C HIS A 170 5.58 -12.58 10.40
N ALA A 171 5.08 -12.21 9.23
CA ALA A 171 3.69 -11.78 9.12
C ALA A 171 2.92 -12.91 8.40
N PRO A 172 1.61 -13.02 8.67
CA PRO A 172 0.76 -14.03 7.97
C PRO A 172 0.83 -13.75 6.46
N TYR A 173 0.93 -12.46 6.09
CA TYR A 173 1.16 -12.07 4.72
C TYR A 173 1.57 -10.62 4.66
N MET A 174 2.07 -10.22 3.50
CA MET A 174 2.50 -8.85 3.28
C MET A 174 1.73 -8.37 2.04
N ARG A 175 1.17 -7.16 2.12
CA ARG A 175 0.36 -6.62 0.98
C ARG A 175 1.26 -5.92 -0.03
N PRO A 176 1.16 -6.35 -1.31
CA PRO A 176 1.92 -5.63 -2.33
C PRO A 176 1.22 -4.32 -2.72
N VAL A 177 1.86 -3.57 -3.61
CA VAL A 177 1.26 -2.38 -4.20
C VAL A 177 0.56 -2.74 -5.54
N TYR A 178 -0.30 -1.84 -6.00
CA TYR A 178 -1.04 -2.00 -7.26
C TYR A 178 -0.27 -1.22 -8.32
N PRO A 179 -0.10 -1.78 -9.54
CA PRO A 179 -0.50 -3.13 -9.92
C PRO A 179 0.46 -4.16 -9.40
N THR A 180 -0.07 -5.36 -9.15
CA THR A 180 0.68 -6.42 -8.51
C THR A 180 1.53 -7.19 -9.57
N LYS A 181 2.34 -6.43 -10.29
CA LYS A 181 3.35 -6.81 -11.26
C LYS A 181 4.75 -6.73 -10.61
N THR A 182 5.72 -7.35 -11.26
CA THR A 182 7.03 -7.54 -10.70
C THR A 182 7.85 -6.25 -10.48
N PHE A 183 8.07 -5.49 -11.55
CA PHE A 183 8.93 -4.30 -11.41
C PHE A 183 8.34 -3.22 -10.51
N PRO A 184 7.03 -2.95 -10.61
CA PRO A 184 6.46 -1.93 -9.70
C PRO A 184 6.65 -2.37 -8.25
N ASN A 185 6.50 -3.67 -7.98
CA ASN A 185 6.66 -4.08 -6.57
C ASN A 185 8.10 -4.18 -6.04
N LEU A 186 9.02 -4.66 -6.87
CA LEU A 186 10.44 -4.69 -6.47
C LEU A 186 10.97 -3.28 -6.29
N TYR A 187 10.52 -2.34 -7.11
CA TYR A 187 11.02 -1.00 -6.94
C TYR A 187 10.36 -0.25 -5.79
N THR A 188 9.11 -0.64 -5.47
CA THR A 188 8.47 -0.17 -4.20
C THR A 188 9.24 -0.71 -3.00
N LEU A 189 9.61 -1.98 -3.02
CA LEU A 189 10.47 -2.50 -1.93
C LEU A 189 11.77 -1.68 -1.76
N ALA A 190 12.39 -1.32 -2.87
CA ALA A 190 13.66 -0.62 -2.88
C ALA A 190 13.54 0.86 -2.44
N THR A 191 12.35 1.48 -2.61
CA THR A 191 12.20 2.96 -2.44
C THR A 191 11.24 3.44 -1.38
N GLY A 192 10.37 2.54 -0.91
CA GLY A 192 9.27 2.95 -0.04
C GLY A 192 8.21 3.81 -0.71
N LEU A 193 8.20 3.92 -2.04
CA LEU A 193 7.25 4.80 -2.70
C LEU A 193 6.15 4.02 -3.44
N TYR A 194 4.94 4.56 -3.50
CA TYR A 194 3.90 4.09 -4.50
C TYR A 194 4.47 4.13 -5.96
N PRO A 195 4.07 3.16 -6.80
CA PRO A 195 4.43 3.25 -8.23
C PRO A 195 4.15 4.63 -8.88
N GLU A 196 3.07 5.32 -8.52
CA GLU A 196 2.77 6.63 -9.12
C GLU A 196 3.88 7.60 -8.84
N SER A 197 4.59 7.39 -7.72
CA SER A 197 5.68 8.30 -7.35
C SER A 197 7.03 7.85 -7.85
N HIS A 198 7.37 6.57 -7.76
CA HIS A 198 8.63 6.08 -8.33
C HIS A 198 8.65 6.00 -9.87
N GLY A 199 7.48 5.90 -10.46
CA GLY A 199 7.42 6.00 -11.93
C GLY A 199 7.36 4.67 -12.64
N ILE A 200 7.59 3.55 -11.93
CA ILE A 200 7.44 2.23 -12.55
C ILE A 200 5.98 1.72 -12.36
N VAL A 201 5.07 2.10 -13.29
CA VAL A 201 3.62 1.99 -13.05
C VAL A 201 3.02 0.75 -13.69
N GLY A 202 3.86 0.02 -14.42
CA GLY A 202 3.43 -1.26 -14.99
C GLY A 202 4.67 -1.94 -15.59
N ASN A 203 4.47 -3.13 -16.14
CA ASN A 203 5.61 -3.74 -16.79
C ASN A 203 5.79 -3.24 -18.22
N SER A 204 4.79 -2.48 -18.70
CA SER A 204 4.84 -1.81 -20.00
C SER A 204 4.35 -0.36 -19.81
N MET A 205 5.04 0.65 -20.40
CA MET A 205 4.67 2.07 -20.20
C MET A 205 5.03 2.96 -21.38
N TYR A 206 4.26 4.02 -21.56
CA TYR A 206 4.59 5.05 -22.53
C TYR A 206 4.74 6.33 -21.73
N ASP A 207 5.85 7.04 -21.88
CA ASP A 207 5.93 8.34 -21.28
C ASP A 207 5.82 9.43 -22.39
N PRO A 208 4.71 10.19 -22.39
CA PRO A 208 4.41 11.12 -23.46
C PRO A 208 5.33 12.35 -23.47
N VAL A 209 6.01 12.64 -22.36
CA VAL A 209 6.99 13.75 -22.30
C VAL A 209 8.30 13.32 -22.98
N PHE A 210 8.82 12.15 -22.58
CA PHE A 210 9.99 11.59 -23.28
C PHE A 210 9.59 11.15 -24.68
N ASP A 211 8.29 10.98 -24.96
CA ASP A 211 7.86 10.19 -26.12
C ASP A 211 8.70 8.91 -26.19
N ALA A 212 8.63 8.08 -25.16
CA ALA A 212 9.45 6.87 -25.19
C ALA A 212 8.67 5.76 -24.50
N SER A 213 8.97 4.51 -24.87
CA SER A 213 8.28 3.35 -24.29
C SER A 213 9.23 2.47 -23.45
N PHE A 214 8.69 1.92 -22.36
CA PHE A 214 9.43 1.03 -21.46
C PHE A 214 8.84 -0.36 -21.69
N HIS A 215 9.70 -1.35 -21.88
CA HIS A 215 9.27 -2.74 -22.10
C HIS A 215 10.12 -3.68 -21.23
N LEU A 216 9.53 -4.84 -20.91
CA LEU A 216 10.23 -5.90 -20.18
C LEU A 216 11.47 -6.41 -20.94
N ARG A 217 11.31 -6.71 -22.22
CA ARG A 217 12.44 -7.07 -23.06
C ARG A 217 13.04 -5.80 -23.65
N GLY A 218 14.36 -5.67 -23.57
CA GLY A 218 15.04 -4.59 -24.26
C GLY A 218 15.93 -3.71 -23.41
N ARG A 219 16.38 -2.63 -24.03
CA ARG A 219 17.42 -1.78 -23.46
C ARG A 219 16.89 -0.46 -22.92
N GLU A 220 15.67 -0.06 -23.33
CA GLU A 220 15.08 1.22 -22.88
C GLU A 220 14.89 1.20 -21.34
N LYS A 221 14.46 0.05 -20.81
CA LYS A 221 14.22 -0.12 -19.37
C LYS A 221 15.46 0.19 -18.50
N PHE A 222 16.64 0.19 -19.10
CA PHE A 222 17.89 0.50 -18.40
C PHE A 222 18.17 1.99 -18.30
N ASN A 223 17.47 2.80 -19.09
CA ASN A 223 17.70 4.24 -19.04
C ASN A 223 17.26 4.76 -17.66
N HIS A 224 18.13 5.53 -16.99
CA HIS A 224 17.91 5.98 -15.61
C HIS A 224 16.66 6.84 -15.45
N ARG A 225 16.24 7.55 -16.50
CA ARG A 225 15.10 8.47 -16.37
C ARG A 225 13.74 7.81 -16.02
N TRP A 226 13.61 6.51 -16.25
CA TRP A 226 12.39 5.83 -15.83
C TRP A 226 12.28 5.72 -14.28
N TRP A 227 13.41 5.61 -13.62
CA TRP A 227 13.47 5.15 -12.24
C TRP A 227 13.56 6.30 -11.25
N GLY A 228 12.45 6.63 -10.60
CA GLY A 228 12.42 7.81 -9.71
C GLY A 228 12.75 7.46 -8.26
N GLY A 229 12.63 8.44 -7.36
CA GLY A 229 12.92 8.22 -5.94
C GLY A 229 14.37 7.84 -5.69
N GLN A 230 14.66 7.24 -4.53
CA GLN A 230 16.03 6.90 -4.19
C GLN A 230 16.03 5.50 -3.58
N PRO A 231 16.51 4.52 -4.33
CA PRO A 231 16.47 3.13 -3.85
C PRO A 231 17.50 2.88 -2.78
N LEU A 232 17.28 1.82 -2.01
CA LEU A 232 18.08 1.50 -0.87
C LEU A 232 19.60 1.49 -1.12
N TRP A 233 20.03 0.97 -2.29
CA TRP A 233 21.46 0.89 -2.58
C TRP A 233 22.06 2.28 -2.74
N ILE A 234 21.29 3.25 -3.25
CA ILE A 234 21.78 4.65 -3.40
C ILE A 234 21.75 5.36 -2.05
N THR A 235 20.68 5.13 -1.29
CA THR A 235 20.60 5.68 0.08
C THR A 235 21.84 5.22 0.92
N ALA A 236 22.19 3.93 0.84
CA ALA A 236 23.31 3.40 1.57
C ALA A 236 24.61 4.09 1.08
N THR A 237 24.83 4.09 -0.23
CA THR A 237 26.07 4.60 -0.83
C THR A 237 26.30 6.07 -0.44
N LYS A 238 25.28 6.91 -0.60
CA LYS A 238 25.34 8.34 -0.20
C LYS A 238 25.65 8.57 1.26
N GLN A 239 25.34 7.59 2.10
CA GLN A 239 25.60 7.72 3.52
C GLN A 239 26.78 6.88 3.98
N GLY A 240 27.60 6.39 3.05
CA GLY A 240 28.84 5.75 3.39
C GLY A 240 28.71 4.28 3.78
N VAL A 241 27.60 3.64 3.43
CA VAL A 241 27.43 2.22 3.66
C VAL A 241 27.52 1.51 2.31
N ARG A 242 28.45 0.57 2.15
CA ARG A 242 28.64 -0.03 0.81
C ARG A 242 27.56 -1.06 0.50
N ALA A 243 27.22 -1.21 -0.75
CA ALA A 243 26.13 -2.10 -1.09
C ALA A 243 26.59 -3.08 -2.19
N GLY A 244 26.18 -4.33 -2.11
CA GLY A 244 26.40 -5.29 -3.21
C GLY A 244 25.41 -4.92 -4.32
N THR A 245 25.65 -5.33 -5.54
CA THR A 245 24.73 -4.93 -6.60
C THR A 245 23.52 -5.88 -6.49
N PHE A 246 22.29 -5.34 -6.46
CA PHE A 246 21.07 -6.12 -6.13
C PHE A 246 20.54 -7.01 -7.26
N PHE A 247 20.78 -6.54 -8.46
CA PHE A 247 20.21 -7.14 -9.70
C PHE A 247 21.15 -8.18 -10.26
N TRP A 248 20.60 -9.25 -10.86
CA TRP A 248 21.41 -10.36 -11.40
C TRP A 248 20.91 -10.70 -12.82
N SER A 249 21.81 -10.78 -13.78
CA SER A 249 21.42 -11.30 -15.12
C SER A 249 20.80 -12.69 -15.01
N VAL A 250 19.68 -12.90 -15.73
CA VAL A 250 18.84 -14.12 -15.51
C VAL A 250 19.62 -15.41 -15.72
N SER A 251 20.62 -15.42 -16.62
CA SER A 251 21.39 -16.65 -16.90
C SER A 251 22.45 -16.99 -15.87
N ILE A 252 22.69 -16.11 -14.90
CA ILE A 252 23.60 -16.50 -13.83
C ILE A 252 22.88 -17.45 -12.89
N PRO A 253 23.36 -18.71 -12.71
CA PRO A 253 22.57 -19.63 -11.89
C PRO A 253 22.50 -19.21 -10.42
N HIS A 254 21.45 -19.65 -9.72
CA HIS A 254 21.30 -19.28 -8.29
C HIS A 254 22.47 -19.65 -7.38
N GLU A 255 23.06 -20.80 -7.60
CA GLU A 255 24.19 -21.22 -6.80
C GLU A 255 25.39 -20.27 -6.89
N ARG A 256 25.59 -19.67 -8.07
CA ARG A 256 26.67 -18.75 -8.33
C ARG A 256 26.33 -17.41 -7.69
N ARG A 257 25.05 -17.04 -7.69
CA ARG A 257 24.64 -15.79 -7.01
C ARG A 257 24.97 -15.89 -5.54
N ILE A 258 24.65 -17.03 -4.92
CA ILE A 258 24.88 -17.22 -3.50
C ILE A 258 26.41 -17.22 -3.23
N LEU A 259 27.16 -17.97 -4.06
CA LEU A 259 28.61 -18.01 -3.89
C LEU A 259 29.22 -16.61 -4.02
N THR A 260 28.71 -15.80 -4.94
CA THR A 260 29.21 -14.42 -5.11
C THR A 260 28.94 -13.58 -3.83
N ILE A 261 27.75 -13.69 -3.26
CA ILE A 261 27.40 -12.94 -2.01
C ILE A 261 28.38 -13.38 -0.89
N LEU A 262 28.62 -14.67 -0.80
CA LEU A 262 29.47 -15.21 0.25
C LEU A 262 30.92 -14.78 0.05
N GLN A 263 31.37 -14.73 -1.19
CA GLN A 263 32.71 -14.22 -1.48
C GLN A 263 32.87 -12.74 -1.10
N TRP A 264 31.85 -11.92 -1.42
CA TRP A 264 31.86 -10.50 -1.03
C TRP A 264 31.91 -10.31 0.46
N LEU A 265 31.27 -11.21 1.20
CA LEU A 265 31.27 -11.14 2.66
C LEU A 265 32.65 -11.46 3.25
N SER A 266 33.57 -11.97 2.42
CA SER A 266 34.96 -12.21 2.84
C SER A 266 35.94 -11.09 2.43
N LEU A 267 35.43 -10.05 1.80
CA LEU A 267 36.30 -8.93 1.42
C LEU A 267 36.84 -8.28 2.69
N PRO A 268 37.96 -7.51 2.59
CA PRO A 268 38.42 -6.71 3.74
C PRO A 268 37.36 -5.68 4.14
N ASP A 269 37.40 -5.30 5.42
CA ASP A 269 36.41 -4.42 6.04
C ASP A 269 36.13 -3.16 5.24
N ASN A 270 37.18 -2.51 4.74
CA ASN A 270 37.00 -1.28 4.04
C ASN A 270 36.39 -1.44 2.63
N GLU A 271 36.31 -2.67 2.11
CA GLU A 271 35.74 -2.93 0.77
C GLU A 271 34.42 -3.73 0.85
N ARG A 272 34.13 -4.34 1.98
CA ARG A 272 33.02 -5.29 2.12
C ARG A 272 31.69 -4.57 2.15
N PRO A 273 30.69 -4.97 1.31
CA PRO A 273 29.39 -4.30 1.51
C PRO A 273 28.71 -4.67 2.81
N SER A 274 27.82 -3.76 3.25
CA SER A 274 26.93 -4.06 4.37
C SER A 274 25.51 -4.56 3.97
N VAL A 275 25.10 -4.34 2.74
CA VAL A 275 23.74 -4.73 2.31
C VAL A 275 23.88 -5.50 0.97
N TYR A 276 23.06 -6.54 0.80
CA TYR A 276 23.13 -7.44 -0.37
C TYR A 276 21.74 -7.83 -0.72
N ALA A 277 21.52 -8.16 -1.99
CA ALA A 277 20.27 -8.84 -2.35
C ALA A 277 20.50 -10.06 -3.26
N PHE A 278 19.74 -11.12 -3.02
CA PHE A 278 19.57 -12.24 -3.93
C PHE A 278 18.16 -12.13 -4.51
N TYR A 279 17.99 -12.52 -5.77
CA TYR A 279 16.69 -12.51 -6.35
C TYR A 279 16.46 -13.84 -7.03
N SER A 280 15.24 -14.36 -6.88
CA SER A 280 14.88 -15.59 -7.61
C SER A 280 13.71 -15.35 -8.55
N GLU A 281 13.81 -15.83 -9.78
CA GLU A 281 12.75 -15.74 -10.76
C GLU A 281 11.63 -16.75 -10.50
N GLN A 282 11.90 -17.72 -9.65
CA GLN A 282 10.94 -18.68 -9.16
C GLN A 282 10.36 -18.25 -7.79
N PRO A 283 9.14 -18.66 -7.49
CA PRO A 283 8.30 -19.59 -8.28
C PRO A 283 7.42 -18.94 -9.38
N ASP A 284 7.57 -17.64 -9.65
CA ASP A 284 6.73 -16.96 -10.63
C ASP A 284 6.80 -17.67 -11.98
N PHE A 285 8.01 -18.02 -12.39
CA PHE A 285 8.22 -18.58 -13.72
C PHE A 285 7.30 -19.84 -13.94
N SER A 286 7.37 -20.77 -13.02
CA SER A 286 6.58 -21.98 -13.17
C SER A 286 5.08 -21.70 -12.86
N GLY A 287 4.79 -20.81 -11.89
CA GLY A 287 3.40 -20.39 -11.60
C GLY A 287 2.64 -19.87 -12.82
N HIS A 288 3.28 -19.09 -13.69
CA HIS A 288 2.62 -18.70 -14.91
C HIS A 288 2.18 -19.92 -15.77
N LYS A 289 3.02 -20.94 -15.78
CA LYS A 289 2.82 -22.08 -16.69
C LYS A 289 1.82 -23.04 -16.10
N TYR A 290 1.91 -23.25 -14.79
CA TYR A 290 1.13 -24.31 -14.16
C TYR A 290 0.05 -23.87 -13.21
N GLY A 291 -0.05 -22.56 -12.94
CA GLY A 291 -0.99 -22.07 -11.90
C GLY A 291 -0.39 -22.14 -10.53
N PRO A 292 -1.01 -21.43 -9.58
CA PRO A 292 -0.32 -21.24 -8.31
C PRO A 292 -0.15 -22.57 -7.57
N PHE A 293 -1.08 -23.50 -7.76
CA PHE A 293 -1.01 -24.82 -7.04
C PHE A 293 -0.91 -26.08 -7.90
N GLY A 294 -0.45 -25.87 -9.14
CA GLY A 294 -0.20 -26.96 -10.08
C GLY A 294 0.74 -27.94 -9.41
N PRO A 295 0.55 -29.27 -9.63
CA PRO A 295 1.47 -30.24 -9.01
C PRO A 295 2.94 -29.98 -9.39
N GLU A 296 3.18 -29.33 -10.52
CA GLU A 296 4.54 -28.94 -10.94
C GLU A 296 5.18 -27.90 -10.04
N MET A 297 4.40 -27.31 -9.14
CA MET A 297 4.92 -26.21 -8.29
C MET A 297 5.74 -26.68 -7.09
N THR A 298 5.62 -27.96 -6.73
CA THR A 298 6.29 -28.47 -5.55
C THR A 298 7.81 -28.35 -5.77
N ASN A 299 8.29 -28.75 -6.95
CA ASN A 299 9.71 -28.72 -7.23
C ASN A 299 10.37 -27.34 -7.16
N PRO A 300 9.75 -26.32 -7.78
CA PRO A 300 10.39 -25.00 -7.61
C PRO A 300 10.44 -24.50 -6.17
N LEU A 301 9.48 -24.88 -5.32
CA LEU A 301 9.53 -24.55 -3.88
C LEU A 301 10.63 -25.31 -3.17
N ARG A 302 10.83 -26.60 -3.51
CA ARG A 302 11.97 -27.35 -2.98
C ARG A 302 13.27 -26.65 -3.34
N GLU A 303 13.35 -26.20 -4.59
CA GLU A 303 14.62 -25.65 -5.09
C GLU A 303 14.94 -24.33 -4.43
N ILE A 304 13.92 -23.48 -4.22
CA ILE A 304 14.13 -22.22 -3.49
C ILE A 304 14.60 -22.53 -2.08
N ASP A 305 13.94 -23.49 -1.41
CA ASP A 305 14.36 -23.84 -0.07
C ASP A 305 15.83 -24.31 0.00
N LYS A 306 16.24 -25.09 -1.00
CA LYS A 306 17.65 -25.55 -1.07
C LYS A 306 18.60 -24.37 -1.17
N THR A 307 18.23 -23.37 -1.97
CA THR A 307 19.02 -22.15 -2.09
C THR A 307 19.16 -21.39 -0.75
N VAL A 308 18.06 -21.26 -0.02
CA VAL A 308 18.09 -20.72 1.33
C VAL A 308 19.07 -21.50 2.20
N GLY A 309 18.97 -22.82 2.13
CA GLY A 309 19.88 -23.73 2.85
C GLY A 309 21.35 -23.45 2.55
N GLN A 310 21.65 -23.27 1.26
CA GLN A 310 23.05 -22.94 0.85
C GLN A 310 23.55 -21.62 1.46
N LEU A 311 22.71 -20.59 1.42
CA LEU A 311 23.04 -19.28 2.00
C LEU A 311 23.31 -19.47 3.51
N MET A 312 22.38 -20.14 4.22
CA MET A 312 22.53 -20.25 5.69
C MET A 312 23.75 -21.14 6.08
N ASP A 313 23.99 -22.22 5.37
CA ASP A 313 25.21 -23.02 5.60
C ASP A 313 26.45 -22.18 5.31
N GLY A 314 26.38 -21.33 4.32
CA GLY A 314 27.52 -20.56 3.92
C GLY A 314 27.77 -19.49 4.97
N LEU A 315 26.69 -18.90 5.50
CA LEU A 315 26.86 -17.92 6.58
C LEU A 315 27.39 -18.65 7.81
N LYS A 316 26.87 -19.82 8.10
CA LYS A 316 27.38 -20.54 9.26
C LYS A 316 28.92 -20.80 9.17
N GLN A 317 29.42 -21.18 7.97
CA GLN A 317 30.85 -21.40 7.71
C GLN A 317 31.68 -20.17 7.97
N LEU A 318 31.14 -19.02 7.63
CA LEU A 318 31.80 -17.77 7.83
C LEU A 318 31.59 -17.27 9.26
N ARG A 319 30.90 -18.01 10.14
CA ARG A 319 30.55 -17.52 11.48
C ARG A 319 29.72 -16.24 11.42
N LEU A 320 28.82 -16.16 10.44
CA LEU A 320 27.96 -15.00 10.34
C LEU A 320 26.48 -15.30 10.57
N HIS A 321 26.14 -16.55 10.87
CA HIS A 321 24.75 -16.95 10.98
C HIS A 321 24.03 -16.37 12.20
N ARG A 322 24.77 -15.81 13.16
CA ARG A 322 24.16 -15.08 14.29
C ARG A 322 24.60 -13.63 14.26
N CYS A 323 24.87 -13.12 13.06
CA CYS A 323 25.35 -11.76 12.88
C CYS A 323 24.53 -11.01 11.81
N VAL A 324 24.18 -11.70 10.73
CA VAL A 324 23.44 -11.16 9.58
C VAL A 324 21.92 -11.09 9.80
N ASN A 325 21.30 -9.96 9.39
CA ASN A 325 19.87 -9.92 9.34
C ASN A 325 19.42 -10.37 7.96
N VAL A 326 18.51 -11.33 7.91
CA VAL A 326 18.11 -11.91 6.64
C VAL A 326 16.65 -11.57 6.47
N ILE A 327 16.26 -11.07 5.31
CA ILE A 327 14.84 -10.84 5.05
C ILE A 327 14.46 -11.76 3.89
N PHE A 328 13.37 -12.50 4.03
CA PHE A 328 12.86 -13.34 2.96
C PHE A 328 11.53 -12.67 2.57
N VAL A 329 11.47 -12.19 1.35
CA VAL A 329 10.38 -11.32 1.00
C VAL A 329 9.95 -11.58 -0.45
N GLY A 330 8.63 -11.54 -0.69
CA GLY A 330 8.11 -11.73 -2.08
C GLY A 330 7.65 -10.42 -2.68
N ASP A 331 7.46 -10.40 -4.01
CA ASP A 331 6.95 -9.19 -4.64
C ASP A 331 5.41 -9.22 -4.81
N HIS A 332 4.79 -10.39 -5.04
CA HIS A 332 3.32 -10.51 -5.28
C HIS A 332 3.08 -12.02 -5.30
N GLY A 333 1.81 -12.43 -5.28
CA GLY A 333 1.40 -13.81 -5.35
C GLY A 333 1.10 -14.20 -6.81
N MET A 334 0.11 -15.05 -7.00
CA MET A 334 -0.17 -15.67 -8.31
C MET A 334 -1.58 -16.24 -8.20
N GLU A 335 -2.37 -16.01 -9.27
CA GLU A 335 -3.77 -16.43 -9.31
C GLU A 335 -3.99 -17.39 -10.53
N ASP A 336 -5.01 -18.23 -10.47
CA ASP A 336 -5.45 -19.07 -11.63
C ASP A 336 -6.11 -18.22 -12.65
N VAL A 337 -5.52 -18.19 -13.86
CA VAL A 337 -5.99 -17.38 -14.96
C VAL A 337 -5.74 -18.22 -16.21
N THR A 338 -6.77 -18.40 -17.01
CA THR A 338 -6.62 -19.13 -18.28
C THR A 338 -7.20 -18.36 -19.48
N CYS A 339 -6.71 -18.73 -20.67
CA CYS A 339 -7.12 -18.17 -21.99
C CYS A 339 -8.62 -17.93 -22.14
N ASP A 340 -9.40 -18.88 -21.67
CA ASP A 340 -10.83 -18.83 -21.86
C ASP A 340 -11.53 -17.85 -20.92
N ARG A 341 -10.80 -17.26 -19.96
CA ARG A 341 -11.42 -16.22 -19.12
C ARG A 341 -10.83 -14.88 -19.55
N THR A 342 -11.14 -14.48 -20.77
CA THR A 342 -10.66 -13.23 -21.34
C THR A 342 -11.92 -12.47 -21.79
N GLU A 343 -12.06 -11.22 -21.39
CA GLU A 343 -13.05 -10.30 -21.98
C GLU A 343 -12.40 -9.57 -23.14
N PHE A 344 -13.14 -9.37 -24.22
CA PHE A 344 -12.65 -8.67 -25.39
C PHE A 344 -13.33 -7.32 -25.62
N LEU A 345 -12.55 -6.26 -25.71
CA LEU A 345 -13.11 -4.92 -25.93
C LEU A 345 -13.85 -4.82 -27.28
N SER A 346 -13.49 -5.70 -28.23
CA SER A 346 -14.25 -5.81 -29.48
C SER A 346 -15.72 -6.25 -29.25
N ASN A 347 -16.03 -6.93 -28.15
CA ASN A 347 -17.46 -7.18 -27.85
C ASN A 347 -18.25 -6.00 -27.24
N TYR A 348 -17.58 -4.86 -27.04
CA TYR A 348 -18.21 -3.68 -26.45
C TYR A 348 -18.12 -2.46 -27.35
N LEU A 349 -16.96 -2.27 -27.99
CA LEU A 349 -16.68 -1.07 -28.75
C LEU A 349 -16.74 -1.33 -30.26
N THR A 350 -17.26 -0.37 -31.03
CA THR A 350 -17.20 -0.47 -32.50
C THR A 350 -15.84 0.06 -33.01
N ASN A 351 -15.41 1.19 -32.47
CA ASN A 351 -14.14 1.82 -32.83
C ASN A 351 -12.85 1.19 -32.22
N VAL A 352 -12.77 -0.14 -32.15
CA VAL A 352 -11.59 -0.81 -31.53
C VAL A 352 -10.22 -0.47 -32.11
N ASP A 353 -10.14 -0.14 -33.40
CA ASP A 353 -8.84 0.15 -34.02
C ASP A 353 -8.29 1.54 -33.80
N ASP A 354 -9.07 2.40 -33.15
CA ASP A 354 -8.63 3.75 -32.83
C ASP A 354 -8.09 3.86 -31.39
N ILE A 355 -8.05 2.75 -30.66
CA ILE A 355 -7.48 2.74 -29.30
C ILE A 355 -6.26 1.86 -29.20
N THR A 356 -5.41 2.15 -28.21
CA THR A 356 -4.29 1.29 -27.82
C THR A 356 -4.68 0.76 -26.44
N LEU A 357 -4.57 -0.54 -26.25
CA LEU A 357 -4.79 -1.11 -24.93
C LEU A 357 -3.53 -1.76 -24.37
N VAL A 358 -3.14 -1.37 -23.16
CA VAL A 358 -2.22 -2.21 -22.36
C VAL A 358 -3.07 -3.30 -21.66
N PRO A 359 -2.96 -4.59 -22.10
CA PRO A 359 -3.86 -5.68 -21.72
C PRO A 359 -3.44 -6.57 -20.53
N GLY A 360 -4.35 -7.49 -20.17
CA GLY A 360 -4.01 -8.57 -19.25
C GLY A 360 -4.81 -8.40 -17.98
N THR A 361 -4.11 -8.33 -16.83
CA THR A 361 -4.84 -8.38 -15.55
C THR A 361 -5.22 -7.00 -15.07
N LEU A 362 -4.92 -6.00 -15.88
CA LEU A 362 -5.44 -4.63 -15.70
C LEU A 362 -5.48 -4.11 -17.12
N GLY A 363 -6.27 -3.07 -17.36
CA GLY A 363 -6.24 -2.46 -18.68
C GLY A 363 -5.98 -1.00 -18.61
N ARG A 364 -5.23 -0.49 -19.58
CA ARG A 364 -5.01 0.93 -19.64
C ARG A 364 -5.25 1.31 -21.08
N ILE A 365 -6.08 2.34 -21.30
CA ILE A 365 -6.51 2.71 -22.67
C ILE A 365 -6.10 4.14 -23.01
N ARG A 366 -5.53 4.31 -24.20
CA ARG A 366 -5.34 5.64 -24.72
C ARG A 366 -5.65 5.65 -26.24
N ALA A 367 -5.63 6.83 -26.85
CA ALA A 367 -5.91 6.92 -28.27
C ALA A 367 -4.70 6.34 -29.02
N LYS A 368 -4.98 5.59 -30.09
CA LYS A 368 -3.96 5.11 -31.02
C LYS A 368 -3.17 6.28 -31.64
N SER A 369 -3.87 7.34 -32.03
CA SER A 369 -3.23 8.51 -32.65
C SER A 369 -3.64 9.84 -31.98
N ILE A 370 -2.65 10.69 -31.64
CA ILE A 370 -2.94 12.02 -31.03
C ILE A 370 -3.51 13.03 -32.05
N ASN A 371 -3.42 12.67 -33.34
CA ASN A 371 -3.95 13.47 -34.43
C ASN A 371 -5.42 13.19 -34.75
N ASN A 372 -6.00 12.16 -34.13
CA ASN A 372 -7.42 11.85 -34.34
C ASN A 372 -8.32 12.51 -33.29
N SER A 373 -9.04 13.56 -33.70
CA SER A 373 -9.87 14.34 -32.77
C SER A 373 -11.31 13.82 -32.62
N LYS A 374 -11.60 12.66 -33.20
CA LYS A 374 -12.89 11.99 -32.99
C LYS A 374 -12.86 10.94 -31.85
N TYR A 375 -11.65 10.60 -31.38
CA TYR A 375 -11.48 9.79 -30.17
C TYR A 375 -12.10 10.53 -28.98
N ASP A 376 -12.81 9.80 -28.12
CA ASP A 376 -13.52 10.42 -27.01
C ASP A 376 -13.64 9.51 -25.77
N PRO A 377 -12.87 9.81 -24.71
CA PRO A 377 -12.84 8.94 -23.52
C PRO A 377 -14.20 8.76 -22.86
N LYS A 378 -15.08 9.75 -22.96
CA LYS A 378 -16.34 9.70 -22.25
C LYS A 378 -17.23 8.66 -22.86
N THR A 379 -17.25 8.60 -24.18
CA THR A 379 -18.06 7.57 -24.82
C THR A 379 -17.43 6.17 -24.79
N ILE A 380 -16.09 6.09 -24.70
CA ILE A 380 -15.41 4.81 -24.50
C ILE A 380 -15.85 4.25 -23.13
N ILE A 381 -15.70 5.07 -22.10
CA ILE A 381 -16.15 4.62 -20.77
C ILE A 381 -17.62 4.21 -20.73
N ALA A 382 -18.51 5.00 -21.35
CA ALA A 382 -19.93 4.66 -21.32
C ALA A 382 -20.19 3.30 -22.05
N ALA A 383 -19.46 3.04 -23.14
CA ALA A 383 -19.63 1.77 -23.85
C ALA A 383 -19.08 0.55 -23.08
N LEU A 384 -18.26 0.79 -22.05
CA LEU A 384 -17.71 -0.31 -21.23
C LEU A 384 -18.37 -0.49 -19.87
N THR A 385 -19.36 0.38 -19.56
CA THR A 385 -19.98 0.41 -18.23
C THR A 385 -21.25 -0.40 -18.14
N CYS A 386 -21.22 -1.41 -17.27
CA CYS A 386 -22.35 -2.30 -16.98
C CYS A 386 -23.12 -2.75 -18.22
N LYS A 387 -22.38 -3.24 -19.21
CA LYS A 387 -22.97 -3.61 -20.48
C LYS A 387 -23.44 -5.06 -20.59
N LYS A 388 -22.90 -5.93 -19.76
CA LYS A 388 -23.19 -7.36 -19.81
C LYS A 388 -23.45 -7.79 -18.39
N PRO A 389 -24.41 -8.74 -18.20
CA PRO A 389 -24.76 -9.20 -16.86
C PRO A 389 -23.55 -9.59 -16.01
N ASP A 390 -22.64 -10.39 -16.55
CA ASP A 390 -21.57 -10.94 -15.71
C ASP A 390 -20.19 -10.28 -15.88
N GLN A 391 -20.20 -9.05 -16.41
CA GLN A 391 -19.01 -8.35 -16.88
C GLN A 391 -17.82 -8.50 -15.90
N HIS A 392 -16.65 -8.90 -16.38
CA HIS A 392 -15.54 -9.22 -15.43
C HIS A 392 -14.47 -8.11 -15.37
N PHE A 393 -14.86 -6.89 -15.70
CA PHE A 393 -13.96 -5.75 -15.51
C PHE A 393 -14.84 -4.53 -15.35
N LYS A 394 -14.28 -3.46 -14.75
CA LYS A 394 -15.03 -2.21 -14.54
C LYS A 394 -14.14 -1.06 -14.96
N PRO A 395 -14.65 -0.20 -15.84
CA PRO A 395 -13.85 0.92 -16.31
C PRO A 395 -13.87 2.07 -15.32
N TYR A 396 -12.77 2.81 -15.24
CA TYR A 396 -12.70 3.98 -14.35
C TYR A 396 -11.90 5.04 -15.04
N MET A 397 -12.27 6.30 -14.87
CA MET A 397 -11.31 7.37 -15.08
C MET A 397 -10.33 7.20 -13.91
N LYS A 398 -9.03 7.40 -14.13
CA LYS A 398 -8.02 7.04 -13.07
C LYS A 398 -8.26 7.76 -11.72
N GLN A 399 -8.71 8.99 -11.82
CA GLN A 399 -9.00 9.78 -10.59
C GLN A 399 -10.21 9.23 -9.81
N HIS A 400 -11.01 8.35 -10.42
CA HIS A 400 -12.12 7.68 -9.68
C HIS A 400 -11.77 6.33 -9.12
N LEU A 401 -10.55 5.82 -9.37
CA LEU A 401 -10.18 4.54 -8.80
C LEU A 401 -10.18 4.72 -7.24
N PRO A 402 -10.42 3.65 -6.45
CA PRO A 402 -10.29 3.66 -4.96
C PRO A 402 -9.01 4.33 -4.59
N LYS A 403 -9.10 5.25 -3.65
CA LYS A 403 -7.95 6.01 -3.26
C LYS A 403 -6.84 5.13 -2.61
N ARG A 404 -7.23 3.99 -2.04
CA ARG A 404 -6.28 3.09 -1.42
C ARG A 404 -5.27 2.54 -2.43
N LEU A 405 -5.61 2.54 -3.73
CA LEU A 405 -4.68 2.08 -4.78
C LEU A 405 -3.59 3.09 -5.09
N HIS A 406 -3.81 4.34 -4.75
CA HIS A 406 -2.86 5.41 -5.00
C HIS A 406 -2.27 5.31 -6.43
N TYR A 407 -3.15 5.19 -7.42
CA TYR A 407 -2.76 4.91 -8.78
C TYR A 407 -3.36 5.91 -9.74
N ALA A 408 -2.81 7.11 -9.74
CA ALA A 408 -3.33 8.16 -10.65
C ALA A 408 -2.34 9.24 -10.96
N ASN A 409 -1.56 9.71 -9.96
CA ASN A 409 -0.72 10.90 -10.16
C ASN A 409 0.60 10.62 -10.93
N ASN A 410 0.50 10.26 -12.21
CA ASN A 410 1.70 10.09 -13.01
C ASN A 410 1.20 10.12 -14.44
N ARG A 411 1.88 10.89 -15.29
CA ARG A 411 1.56 11.00 -16.73
C ARG A 411 1.70 9.68 -17.47
N ARG A 412 2.41 8.71 -16.87
CA ARG A 412 2.52 7.41 -17.54
C ARG A 412 1.29 6.51 -17.27
N ILE A 413 0.42 6.92 -16.36
CA ILE A 413 -0.85 6.20 -16.12
C ILE A 413 -1.96 6.83 -16.99
N GLU A 414 -2.53 6.01 -17.86
CA GLU A 414 -3.55 6.47 -18.79
C GLU A 414 -4.84 6.84 -18.06
N ASP A 415 -5.50 7.88 -18.57
CA ASP A 415 -6.77 8.33 -18.00
C ASP A 415 -7.78 7.22 -17.84
N ILE A 416 -7.88 6.32 -18.82
CA ILE A 416 -8.89 5.29 -18.72
C ILE A 416 -8.20 4.04 -18.21
N HIS A 417 -8.77 3.47 -17.13
CA HIS A 417 -8.26 2.27 -16.47
C HIS A 417 -9.33 1.19 -16.37
N LEU A 418 -8.96 -0.07 -16.56
CA LEU A 418 -9.91 -1.14 -16.32
C LEU A 418 -9.44 -1.97 -15.14
N LEU A 419 -10.23 -2.04 -14.09
CA LEU A 419 -10.02 -2.96 -13.00
C LEU A 419 -10.64 -4.29 -13.35
N VAL A 420 -9.78 -5.32 -13.45
CA VAL A 420 -10.16 -6.62 -13.94
C VAL A 420 -10.45 -7.53 -12.77
N ASP A 421 -11.56 -8.27 -12.82
CA ASP A 421 -11.86 -9.26 -11.77
C ASP A 421 -10.75 -10.33 -11.64
N ARG A 422 -10.52 -10.81 -10.42
CA ARG A 422 -9.49 -11.82 -10.20
C ARG A 422 -9.89 -13.03 -11.08
N ARG A 423 -8.89 -13.72 -11.60
CA ARG A 423 -9.07 -14.92 -12.48
C ARG A 423 -9.33 -14.58 -13.95
N TRP A 424 -9.48 -13.29 -14.27
CA TRP A 424 -9.76 -12.83 -15.66
C TRP A 424 -8.64 -12.04 -16.35
N HIS A 425 -8.63 -12.06 -17.69
CA HIS A 425 -7.92 -11.06 -18.50
C HIS A 425 -8.90 -10.23 -19.29
N VAL A 426 -8.43 -9.05 -19.66
CA VAL A 426 -9.03 -8.25 -20.71
C VAL A 426 -8.02 -8.14 -21.90
N ALA A 427 -8.54 -8.23 -23.13
CA ALA A 427 -7.72 -8.01 -24.35
C ALA A 427 -8.53 -7.18 -25.35
N ARG A 428 -7.87 -6.60 -26.36
CA ARG A 428 -8.56 -5.76 -27.32
C ARG A 428 -9.45 -6.58 -28.28
N LYS A 429 -8.86 -7.65 -28.84
CA LYS A 429 -9.48 -8.50 -29.90
C LYS A 429 -9.09 -9.96 -29.67
N PRO A 430 -9.98 -10.91 -30.02
CA PRO A 430 -9.59 -12.32 -29.83
C PRO A 430 -8.25 -12.72 -30.47
N LEU A 431 -7.89 -12.11 -31.59
CA LEU A 431 -6.66 -12.48 -32.28
C LEU A 431 -5.41 -12.24 -31.42
N ASP A 432 -5.43 -11.20 -30.58
CA ASP A 432 -4.39 -10.87 -29.60
C ASP A 432 -4.04 -12.00 -28.62
N VAL A 433 -5.03 -12.83 -28.29
CA VAL A 433 -4.90 -13.92 -27.34
C VAL A 433 -4.41 -15.24 -27.93
N TYR A 434 -4.62 -15.51 -29.22
CA TYR A 434 -4.15 -16.78 -29.81
CA TYR A 434 -4.21 -16.77 -29.84
C TYR A 434 -3.07 -16.60 -30.87
N LYS A 435 -3.05 -15.44 -31.54
CA LYS A 435 -1.99 -15.10 -32.51
C LYS A 435 -1.06 -14.00 -31.93
N LYS A 436 -0.39 -14.34 -30.82
CA LYS A 436 0.62 -13.48 -30.19
C LYS A 436 1.66 -14.36 -29.48
N CYS A 441 -4.23 -23.65 -23.79
CA CYS A 441 -3.53 -22.37 -23.88
C CYS A 441 -2.11 -22.38 -23.25
N PHE A 442 -1.39 -21.28 -23.45
CA PHE A 442 0.00 -21.18 -23.02
C PHE A 442 0.21 -20.99 -21.50
N PHE A 443 -0.83 -20.52 -20.78
CA PHE A 443 -0.66 -20.04 -19.37
C PHE A 443 -1.78 -20.43 -18.41
N GLN A 444 -1.45 -20.65 -17.14
CA GLN A 444 -2.48 -21.06 -16.16
C GLN A 444 -2.44 -20.18 -14.92
N GLY A 445 -1.46 -19.27 -14.88
CA GLY A 445 -1.35 -18.37 -13.75
C GLY A 445 -1.06 -16.95 -14.21
N ASP A 446 -1.50 -15.95 -13.42
CA ASP A 446 -1.00 -14.61 -13.64
C ASP A 446 -1.24 -13.78 -12.40
N HIS A 447 -0.81 -12.52 -12.43
CA HIS A 447 -0.98 -11.61 -11.29
C HIS A 447 -1.04 -10.22 -11.91
N GLY A 448 -1.24 -9.21 -11.07
CA GLY A 448 -1.47 -7.84 -11.58
C GLY A 448 -2.68 -7.20 -10.95
N PHE A 449 -3.61 -8.03 -10.46
CA PHE A 449 -4.92 -7.61 -9.95
C PHE A 449 -4.83 -6.64 -8.74
N ASP A 450 -5.97 -6.07 -8.38
CA ASP A 450 -6.18 -5.25 -7.15
C ASP A 450 -5.37 -5.85 -5.98
N ASN A 451 -4.59 -5.00 -5.30
CA ASN A 451 -3.67 -5.53 -4.25
C ASN A 451 -4.35 -5.97 -2.96
N LYS A 452 -5.67 -5.79 -2.87
CA LYS A 452 -6.44 -6.40 -1.79
C LYS A 452 -6.76 -7.90 -1.97
N VAL A 453 -6.62 -8.42 -3.17
CA VAL A 453 -7.04 -9.82 -3.50
C VAL A 453 -6.15 -10.84 -2.82
N ASN A 454 -6.76 -11.82 -2.13
CA ASN A 454 -5.99 -12.81 -1.37
C ASN A 454 -4.87 -13.49 -2.16
N SER A 455 -5.16 -13.91 -3.38
CA SER A 455 -4.15 -14.61 -4.18
C SER A 455 -2.94 -13.72 -4.54
N MET A 456 -3.03 -12.40 -4.40
CA MET A 456 -1.89 -11.55 -4.77
C MET A 456 -1.01 -11.28 -3.55
N GLN A 457 -1.46 -11.62 -2.35
CA GLN A 457 -0.65 -11.36 -1.12
C GLN A 457 0.65 -12.17 -1.17
N THR A 458 1.68 -11.63 -0.53
CA THR A 458 2.94 -12.29 -0.59
C THR A 458 3.52 -12.39 0.84
N VAL A 459 4.82 -12.66 0.95
CA VAL A 459 5.42 -13.11 2.21
C VAL A 459 6.42 -12.12 2.79
N PHE A 460 6.55 -12.14 4.11
CA PHE A 460 7.66 -11.49 4.84
C PHE A 460 8.16 -12.34 6.02
N VAL A 461 9.47 -12.57 6.05
CA VAL A 461 10.09 -13.13 7.25
C VAL A 461 11.36 -12.32 7.50
N GLY A 462 11.63 -11.99 8.77
CA GLY A 462 12.87 -11.34 9.13
C GLY A 462 13.58 -12.23 10.19
N TYR A 463 14.85 -12.49 9.99
CA TYR A 463 15.58 -13.37 10.93
C TYR A 463 16.93 -12.74 11.23
N GLY A 464 17.27 -12.53 12.51
CA GLY A 464 18.61 -12.09 12.80
C GLY A 464 18.63 -11.43 14.18
N PRO A 465 19.78 -10.85 14.54
CA PRO A 465 19.94 -10.21 15.85
C PRO A 465 19.03 -8.99 16.01
N THR A 466 18.69 -8.29 14.93
CA THR A 466 17.90 -7.06 15.09
C THR A 466 16.40 -7.33 15.03
N PHE A 467 15.97 -8.48 14.47
CA PHE A 467 14.55 -8.87 14.48
C PHE A 467 14.18 -9.58 15.76
N LYS A 468 12.88 -9.53 16.08
CA LYS A 468 12.35 -10.33 17.22
C LYS A 468 12.45 -11.83 17.05
N TYR A 469 12.42 -12.52 18.20
CA TYR A 469 12.53 -14.00 18.25
C TYR A 469 11.13 -14.64 18.34
N ARG A 470 10.83 -15.65 17.53
CA ARG A 470 9.50 -16.35 17.44
C ARG A 470 8.33 -15.40 17.54
N THR A 471 8.29 -14.35 16.72
CA THR A 471 7.27 -13.32 16.87
C THR A 471 6.43 -13.29 15.60
N LYS A 472 5.10 -13.30 15.75
CA LYS A 472 4.20 -13.08 14.63
C LYS A 472 3.71 -11.65 14.70
N VAL A 473 3.75 -10.93 13.58
CA VAL A 473 3.28 -9.54 13.54
C VAL A 473 2.10 -9.46 12.57
N PRO A 474 1.22 -8.47 12.73
CA PRO A 474 0.08 -8.39 11.80
C PRO A 474 0.55 -8.12 10.36
N PRO A 475 -0.29 -8.43 9.38
CA PRO A 475 0.02 -8.11 7.98
C PRO A 475 0.28 -6.61 7.79
N PHE A 476 1.17 -6.26 6.89
CA PHE A 476 1.48 -4.85 6.62
C PHE A 476 1.79 -4.72 5.15
N GLU A 477 1.93 -3.49 4.69
CA GLU A 477 2.20 -3.21 3.30
C GLU A 477 3.65 -3.08 2.97
N ASN A 478 4.00 -3.51 1.76
CA ASN A 478 5.40 -3.49 1.39
C ASN A 478 6.05 -2.08 1.29
N ILE A 479 5.25 -1.02 1.12
CA ILE A 479 5.81 0.33 1.13
C ILE A 479 6.46 0.67 2.49
N GLU A 480 6.16 -0.12 3.54
CA GLU A 480 6.74 0.13 4.86
C GLU A 480 8.18 -0.41 5.05
N LEU A 481 8.61 -1.33 4.20
CA LEU A 481 9.85 -2.01 4.41
C LEU A 481 11.11 -1.16 4.22
N TYR A 482 11.10 -0.23 3.25
CA TYR A 482 12.26 0.59 3.05
C TYR A 482 12.72 1.26 4.34
N ASN A 483 11.79 1.88 5.08
CA ASN A 483 12.15 2.50 6.39
C ASN A 483 12.89 1.50 7.27
N VAL A 484 12.35 0.30 7.38
CA VAL A 484 12.92 -0.69 8.28
C VAL A 484 14.29 -1.14 7.81
N MET A 485 14.47 -1.34 6.49
CA MET A 485 15.78 -1.71 5.97
C MET A 485 16.79 -0.59 6.26
N CYS A 486 16.36 0.66 6.13
CA CYS A 486 17.24 1.79 6.51
C CYS A 486 17.61 1.76 8.01
N ASP A 487 16.62 1.52 8.89
CA ASP A 487 16.89 1.28 10.33
C ASP A 487 17.92 0.15 10.61
N LEU A 488 17.79 -0.99 9.91
CA LEU A 488 18.68 -2.14 10.08
C LEU A 488 20.11 -1.82 9.72
N LEU A 489 20.28 -0.80 8.85
CA LEU A 489 21.60 -0.34 8.40
C LEU A 489 22.10 0.97 9.03
N GLY A 490 21.33 1.53 9.95
CA GLY A 490 21.63 2.86 10.52
C GLY A 490 21.54 4.02 9.53
N LEU A 491 20.68 3.94 8.51
CA LEU A 491 20.54 4.98 7.52
C LEU A 491 19.32 5.86 7.77
N LYS A 492 19.39 7.10 7.31
CA LYS A 492 18.27 8.01 7.33
C LYS A 492 17.49 7.78 6.02
N PRO A 493 16.20 7.38 6.10
CA PRO A 493 15.50 7.11 4.81
C PRO A 493 15.26 8.35 3.98
N ALA A 494 15.30 8.25 2.66
CA ALA A 494 14.81 9.38 1.89
C ALA A 494 13.27 9.50 2.11
N PRO A 495 12.66 10.64 1.76
CA PRO A 495 11.20 10.84 1.95
C PRO A 495 10.43 9.78 1.18
N ASN A 496 9.53 9.08 1.88
CA ASN A 496 8.84 7.97 1.20
C ASN A 496 7.43 7.82 1.76
N ASN A 497 6.69 6.77 1.34
CA ASN A 497 5.28 6.67 1.67
C ASN A 497 5.03 5.75 2.88
N GLY A 498 6.09 5.13 3.41
CA GLY A 498 5.99 4.39 4.61
C GLY A 498 5.69 5.37 5.75
N THR A 499 5.28 4.83 6.86
CA THR A 499 5.00 5.66 8.04
C THR A 499 6.01 5.15 9.04
N HIS A 500 7.05 5.95 9.23
CA HIS A 500 8.23 5.47 9.93
C HIS A 500 7.92 5.34 11.40
N GLY A 501 8.16 4.12 11.94
CA GLY A 501 7.74 3.78 13.30
C GLY A 501 6.60 2.77 13.29
N SER A 502 5.82 2.69 12.19
CA SER A 502 4.69 1.71 12.17
C SER A 502 5.14 0.25 12.22
N LEU A 503 6.40 -0.04 11.87
CA LEU A 503 6.88 -1.43 11.94
C LEU A 503 7.92 -1.59 13.06
N ASN A 504 7.95 -0.65 14.01
CA ASN A 504 8.85 -0.86 15.16
C ASN A 504 8.64 -2.18 15.88
N HIS A 505 7.40 -2.68 15.91
CA HIS A 505 7.13 -3.96 16.58
C HIS A 505 7.77 -5.19 15.91
N LEU A 506 8.42 -5.02 14.76
CA LEU A 506 9.21 -6.13 14.19
C LEU A 506 10.64 -6.24 14.80
N LEU A 507 11.08 -5.19 15.49
CA LEU A 507 12.49 -5.06 15.80
C LEU A 507 12.77 -5.23 17.28
N ARG A 508 13.89 -5.90 17.55
CA ARG A 508 14.36 -6.05 18.93
C ARG A 508 14.96 -4.72 19.38
N THR A 509 15.73 -4.07 18.50
CA THR A 509 16.46 -2.80 18.75
C THR A 509 16.51 -1.93 17.45
N ASN A 510 17.17 -0.77 17.49
CA ASN A 510 17.26 0.15 16.31
C ASN A 510 15.87 0.72 15.99
N THR A 511 14.97 0.71 16.98
CA THR A 511 13.64 1.22 16.69
C THR A 511 13.80 2.73 16.36
N PHE A 512 12.77 3.30 15.73
CA PHE A 512 12.88 4.70 15.35
C PHE A 512 11.80 5.38 16.10
N ARG A 513 12.18 6.40 16.87
CA ARG A 513 11.22 6.79 17.88
C ARG A 513 10.56 8.04 17.44
N PRO A 514 9.45 7.92 16.70
CA PRO A 514 8.92 9.14 16.11
C PRO A 514 8.18 9.98 17.17
N THR A 515 8.05 11.26 16.90
CA THR A 515 7.27 12.17 17.72
C THR A 515 6.04 12.63 16.91
N MET A 516 4.96 12.98 17.59
CA MET A 516 3.76 13.49 16.91
C MET A 516 4.03 14.81 16.20
N PRO A 517 3.45 14.99 15.00
CA PRO A 517 3.63 16.29 14.39
C PRO A 517 3.02 17.40 15.24
N ASP A 518 3.63 18.57 15.16
CA ASP A 518 3.15 19.75 15.86
C ASP A 518 1.87 20.28 15.21
N GLU A 519 0.86 20.65 16.03
CA GLU A 519 -0.35 21.31 15.46
C GLU A 519 0.08 22.68 14.90
N VAL A 520 -0.39 23.04 13.72
CA VAL A 520 -0.01 24.31 13.09
C VAL A 520 -1.08 25.36 13.36
N SER A 521 -2.37 25.00 13.27
CA SER A 521 -3.44 25.99 13.54
C SER A 521 -4.19 25.65 14.81
N ARG A 522 -4.32 26.62 15.69
CA ARG A 522 -5.14 26.39 16.89
C ARG A 522 -6.59 26.85 16.64
N PRO A 523 -7.54 26.15 17.23
CA PRO A 523 -8.91 26.49 16.92
C PRO A 523 -9.39 27.70 17.70
N ASN A 524 -10.45 28.30 17.20
CA ASN A 524 -11.26 29.27 17.93
C ASN A 524 -12.40 28.53 18.59
N TYR A 525 -12.85 29.04 19.74
CA TYR A 525 -13.98 28.46 20.47
C TYR A 525 -15.09 29.53 20.57
N PRO A 526 -15.85 29.75 19.48
CA PRO A 526 -16.86 30.82 19.50
C PRO A 526 -18.05 30.56 20.41
N GLY A 527 -18.48 31.62 21.09
CA GLY A 527 -19.72 31.61 21.84
C GLY A 527 -20.84 32.23 21.00
N ILE A 528 -21.99 32.46 21.61
CA ILE A 528 -23.11 33.06 20.89
C ILE A 528 -22.83 34.51 20.53
N MET A 529 -22.81 34.85 19.24
CA MET A 529 -22.32 36.15 18.82
C MET A 529 -23.18 36.87 17.80
N TYR A 530 -24.22 36.21 17.31
CA TYR A 530 -25.07 36.70 16.23
C TYR A 530 -26.52 36.47 16.55
N LEU A 531 -27.35 37.41 16.16
CA LEU A 531 -28.78 37.23 16.31
C LEU A 531 -29.30 36.55 15.04
N GLN A 532 -30.37 35.77 15.17
CA GLN A 532 -30.96 35.03 14.04
C GLN A 532 -31.27 35.95 12.87
N SER A 533 -31.81 37.14 13.17
CA SER A 533 -32.12 38.04 12.07
C SER A 533 -30.95 38.61 11.29
N GLU A 534 -29.71 38.43 11.74
CA GLU A 534 -28.58 38.89 10.92
C GLU A 534 -28.33 37.97 9.73
N PHE A 535 -29.00 36.83 9.69
CA PHE A 535 -28.70 35.83 8.67
C PHE A 535 -29.72 35.97 7.55
N ASP A 536 -29.21 36.13 6.34
CA ASP A 536 -30.05 36.09 5.15
C ASP A 536 -29.55 34.96 4.23
N LEU A 537 -29.83 33.74 4.64
CA LEU A 537 -29.29 32.59 3.94
C LEU A 537 -30.32 31.92 3.06
N GLY A 538 -31.57 32.37 3.17
CA GLY A 538 -32.67 31.74 2.42
C GLY A 538 -32.98 30.40 3.04
N CYS A 539 -32.51 30.19 4.26
CA CYS A 539 -32.80 28.96 5.01
C CYS A 539 -34.01 29.21 5.86
N THR A 540 -34.79 28.16 6.09
CA THR A 540 -35.98 28.23 6.96
C THR A 540 -36.03 26.93 7.77
N CYS A 541 -36.58 27.01 8.97
CA CYS A 541 -36.83 25.83 9.77
C CYS A 541 -38.07 26.05 10.61
N ASP A 542 -38.89 25.01 10.71
CA ASP A 542 -40.05 25.01 11.59
C ASP A 542 -39.62 24.74 13.05
N ASP A 543 -38.93 25.69 13.66
CA ASP A 543 -38.33 25.44 14.98
C ASP A 543 -38.79 26.37 16.11
N LYS A 544 -39.64 27.34 15.78
CA LYS A 544 -40.17 28.32 16.75
C LYS A 544 -41.35 27.75 17.56
N VAL A 545 -41.39 26.42 17.69
CA VAL A 545 -42.35 25.76 18.57
C VAL A 545 -41.64 25.61 19.94
N GLU A 546 -41.61 26.70 20.71
CA GLU A 546 -40.77 26.79 21.90
C GLU A 546 -41.57 26.61 23.20
N ASN A 549 -37.80 27.85 31.49
CA ASN A 549 -37.41 26.54 31.95
C ASN A 549 -35.92 26.52 32.35
N LYS A 550 -35.65 26.70 33.65
CA LYS A 550 -34.28 26.68 34.20
C LYS A 550 -33.60 25.29 34.27
N LEU A 551 -34.40 24.21 34.20
CA LEU A 551 -33.84 22.83 34.15
C LEU A 551 -33.16 22.49 32.82
N GLU A 552 -33.89 22.70 31.73
CA GLU A 552 -33.44 22.26 30.39
C GLU A 552 -32.74 23.36 29.54
N GLU A 553 -32.55 24.54 30.14
CA GLU A 553 -31.78 25.63 29.51
C GLU A 553 -30.44 25.88 30.21
N LEU A 554 -30.35 25.48 31.48
CA LEU A 554 -29.05 25.39 32.16
C LEU A 554 -28.23 24.28 31.49
N ASN A 555 -28.92 23.19 31.17
CA ASN A 555 -28.34 22.00 30.55
C ASN A 555 -27.86 22.18 29.10
N LYS A 556 -28.60 22.95 28.29
CA LYS A 556 -28.23 23.21 26.90
C LYS A 556 -26.97 24.07 26.76
N ARG A 557 -26.80 25.03 27.69
CA ARG A 557 -25.58 25.84 27.80
C ARG A 557 -24.37 24.95 28.08
N LEU A 558 -24.57 23.93 28.92
CA LEU A 558 -23.50 22.99 29.30
C LEU A 558 -23.02 22.25 28.05
N HIS A 559 -23.98 21.73 27.26
CA HIS A 559 -23.68 20.97 26.03
C HIS A 559 -22.97 21.78 24.97
N THR A 560 -23.34 23.06 24.84
CA THR A 560 -22.68 24.01 23.92
C THR A 560 -21.29 24.40 24.43
N LYS A 561 -21.01 24.20 25.72
CA LYS A 561 -19.67 24.44 26.28
C LYS A 561 -18.77 23.18 26.25
N GLY A 562 -19.34 22.01 25.93
CA GLY A 562 -18.50 20.82 25.79
C GLY A 562 -18.67 19.76 26.87
N SER A 563 -19.77 19.81 27.63
CA SER A 563 -19.97 18.90 28.77
C SER A 563 -20.13 17.42 28.41
N THR A 564 -20.45 17.15 27.15
CA THR A 564 -20.52 15.76 26.68
C THR A 564 -19.35 15.44 25.74
N LYS A 565 -18.38 16.36 25.64
CA LYS A 565 -17.28 16.19 24.68
C LYS A 565 -16.45 14.92 24.91
N GLU A 566 -16.36 14.45 26.17
CA GLU A 566 -15.61 13.23 26.52
C GLU A 566 -16.27 12.00 25.95
N ARG A 567 -17.57 12.10 25.65
CA ARG A 567 -18.31 10.98 25.12
C ARG A 567 -18.10 10.92 23.60
N HIS A 568 -18.05 12.08 22.97
CA HIS A 568 -18.08 12.14 21.49
C HIS A 568 -16.72 12.35 20.85
N LEU A 569 -15.79 12.86 21.62
CA LEU A 569 -14.43 13.02 21.14
C LEU A 569 -13.50 12.14 22.00
N LEU A 570 -13.29 10.91 21.57
CA LEU A 570 -12.67 9.90 22.44
C LEU A 570 -11.14 9.86 22.44
N TYR A 571 -10.51 10.37 21.39
CA TYR A 571 -9.07 10.24 21.19
C TYR A 571 -8.42 11.59 21.00
N GLY A 572 -9.09 12.63 21.49
CA GLY A 572 -8.55 13.99 21.46
C GLY A 572 -9.02 14.67 20.18
N ARG A 573 -8.91 15.99 20.09
CA ARG A 573 -9.27 16.66 18.83
C ARG A 573 -8.20 16.33 17.79
N PRO A 574 -8.61 16.13 16.52
CA PRO A 574 -7.58 15.97 15.49
C PRO A 574 -6.70 17.21 15.41
N ALA A 575 -5.42 17.06 15.15
CA ALA A 575 -4.63 18.30 14.96
C ALA A 575 -4.66 18.75 13.51
N VAL A 576 -4.70 20.06 13.31
CA VAL A 576 -4.69 20.66 11.99
C VAL A 576 -3.27 21.01 11.61
N LEU A 577 -2.73 20.38 10.56
CA LEU A 577 -1.29 20.49 10.31
C LEU A 577 -0.98 21.47 9.22
N TYR A 578 -1.86 22.41 9.00
CA TYR A 578 -1.55 23.45 8.01
C TYR A 578 -2.17 24.75 8.53
N ARG A 579 -1.88 25.86 7.88
CA ARG A 579 -2.33 27.18 8.32
C ARG A 579 -3.78 27.44 7.83
N THR A 580 -4.69 27.63 8.77
CA THR A 580 -6.09 27.87 8.39
C THR A 580 -6.86 28.48 9.54
N SER A 581 -8.09 28.85 9.30
CA SER A 581 -8.83 29.45 10.35
C SER A 581 -10.08 28.55 10.60
N TYR A 582 -10.23 28.03 11.82
CA TYR A 582 -11.34 27.14 12.10
C TYR A 582 -11.87 27.23 13.55
N ASP A 583 -13.07 26.77 13.75
CA ASP A 583 -13.76 26.89 15.06
C ASP A 583 -14.10 25.53 15.57
N ILE A 584 -13.92 25.27 16.87
CA ILE A 584 -14.53 24.10 17.51
C ILE A 584 -15.98 24.39 17.91
N LEU A 585 -16.92 23.55 17.49
CA LEU A 585 -18.32 23.67 17.84
C LEU A 585 -18.78 22.45 18.64
N TYR A 586 -19.29 22.69 19.85
CA TYR A 586 -19.76 21.57 20.66
C TYR A 586 -21.29 21.45 20.56
N HIS A 587 -21.78 20.22 20.74
CA HIS A 587 -23.22 19.96 20.76
C HIS A 587 -23.45 18.75 21.63
N THR A 588 -24.70 18.53 21.99
CA THR A 588 -25.07 17.34 22.81
C THR A 588 -24.53 16.04 22.26
N ASP A 589 -24.76 15.83 20.96
CA ASP A 589 -24.50 14.56 20.31
C ASP A 589 -23.23 14.45 19.43
N PHE A 590 -22.51 15.56 19.25
CA PHE A 590 -21.37 15.59 18.33
C PHE A 590 -20.55 16.86 18.51
N GLU A 591 -19.30 16.80 18.05
CA GLU A 591 -18.37 17.92 18.14
C GLU A 591 -17.80 18.09 16.76
N SER A 592 -17.55 19.33 16.34
CA SER A 592 -16.99 19.52 15.04
C SER A 592 -15.88 20.59 15.00
N GLY A 593 -15.03 20.49 13.99
CA GLY A 593 -14.02 21.50 13.70
C GLY A 593 -14.44 22.14 12.40
N TYR A 594 -14.93 23.37 12.48
CA TYR A 594 -15.63 24.02 11.35
C TYR A 594 -14.70 24.99 10.62
N SER A 595 -14.47 24.78 9.32
CA SER A 595 -13.51 25.64 8.58
C SER A 595 -14.24 26.90 8.13
N GLU A 596 -13.75 28.06 8.56
CA GLU A 596 -14.26 29.33 8.04
C GLU A 596 -13.84 29.58 6.58
N ILE A 597 -12.82 28.87 6.10
CA ILE A 597 -12.32 29.03 4.72
C ILE A 597 -13.19 28.19 3.73
N PHE A 598 -13.42 26.93 4.06
CA PHE A 598 -14.20 26.03 3.19
C PHE A 598 -15.72 26.01 3.50
N LEU A 599 -16.14 26.73 4.53
CA LEU A 599 -17.56 26.89 4.94
C LEU A 599 -18.23 25.58 5.37
N MET A 600 -17.48 24.67 5.97
CA MET A 600 -18.08 23.40 6.38
C MET A 600 -17.05 22.71 7.31
N PRO A 601 -17.47 21.66 8.05
CA PRO A 601 -16.50 21.02 8.91
C PRO A 601 -15.36 20.32 8.15
N LEU A 602 -14.18 20.39 8.75
CA LEU A 602 -13.08 19.56 8.32
C LEU A 602 -13.30 18.16 8.90
N TRP A 603 -13.97 18.12 10.04
CA TRP A 603 -14.21 16.83 10.74
C TRP A 603 -15.38 17.01 11.70
N THR A 604 -16.11 15.92 11.93
CA THR A 604 -17.27 15.87 12.82
C THR A 604 -17.12 14.56 13.56
N SER A 605 -17.13 14.61 14.89
CA SER A 605 -16.88 13.42 15.70
C SER A 605 -18.10 13.05 16.59
N TYR A 606 -18.49 11.79 16.64
CA TYR A 606 -19.61 11.45 17.50
C TYR A 606 -19.53 9.99 17.86
N THR A 607 -20.08 9.65 19.02
CA THR A 607 -20.10 8.25 19.47
C THR A 607 -21.55 7.73 19.49
N ILE A 608 -21.72 6.49 19.01
CA ILE A 608 -23.00 5.79 18.98
C ILE A 608 -22.84 4.52 19.81
N SER A 609 -23.54 4.45 20.93
CA SER A 609 -23.39 3.25 21.76
C SER A 609 -24.20 2.07 21.19
N LYS A 610 -23.89 0.86 21.64
CA LYS A 610 -24.63 -0.31 21.19
C LYS A 610 -26.13 -0.14 21.40
N GLN A 611 -26.52 0.60 22.44
CA GLN A 611 -27.95 0.75 22.78
C GLN A 611 -28.67 1.88 22.03
N ALA A 612 -27.93 2.70 21.27
CA ALA A 612 -28.52 3.86 20.64
C ALA A 612 -29.70 3.49 19.75
N GLU A 613 -30.69 4.36 19.67
CA GLU A 613 -31.83 4.10 18.78
C GLU A 613 -31.79 5.03 17.56
N VAL A 614 -32.20 4.49 16.41
CA VAL A 614 -32.38 5.23 15.16
C VAL A 614 -33.79 5.83 15.16
N SER A 615 -33.91 7.11 14.83
CA SER A 615 -35.22 7.71 14.67
C SER A 615 -35.30 8.28 13.26
N SER A 616 -36.44 8.82 12.88
CA SER A 616 -36.57 9.36 11.53
C SER A 616 -36.44 10.89 11.56
N ILE A 617 -36.37 11.49 10.38
CA ILE A 617 -36.47 12.93 10.26
C ILE A 617 -37.98 13.24 10.18
N PRO A 618 -38.54 13.86 11.23
CA PRO A 618 -39.93 14.29 11.29
C PRO A 618 -40.31 15.09 10.05
N GLU A 619 -41.53 14.88 9.56
CA GLU A 619 -42.00 15.52 8.33
C GLU A 619 -41.81 17.02 8.36
N HIS A 620 -42.10 17.65 9.50
CA HIS A 620 -42.08 19.13 9.53
C HIS A 620 -40.63 19.65 9.49
N LEU A 621 -39.66 18.76 9.69
CA LEU A 621 -38.23 19.15 9.61
C LEU A 621 -37.47 18.70 8.34
N THR A 622 -38.19 18.18 7.34
CA THR A 622 -37.52 17.61 6.15
C THR A 622 -36.54 18.58 5.51
N ASN A 623 -36.94 19.83 5.36
CA ASN A 623 -36.13 20.85 4.69
C ASN A 623 -35.56 21.87 5.66
N CYS A 624 -35.58 21.58 6.96
CA CYS A 624 -35.13 22.53 7.96
C CYS A 624 -33.60 22.76 7.89
N VAL A 625 -33.18 24.02 7.74
CA VAL A 625 -31.78 24.39 7.99
C VAL A 625 -31.76 25.61 8.90
N ARG A 626 -30.90 25.59 9.92
CA ARG A 626 -30.92 26.60 10.99
C ARG A 626 -29.56 27.35 11.04
N PRO A 627 -29.60 28.68 10.99
CA PRO A 627 -28.42 29.52 11.27
C PRO A 627 -27.74 29.11 12.59
N ASP A 628 -26.41 29.13 12.60
CA ASP A 628 -25.65 28.85 13.81
C ASP A 628 -25.14 30.18 14.40
N VAL A 629 -25.71 30.55 15.53
CA VAL A 629 -25.42 31.90 16.12
C VAL A 629 -23.98 32.03 16.64
N ARG A 630 -23.21 30.93 16.63
CA ARG A 630 -21.79 31.05 16.96
C ARG A 630 -20.91 31.47 15.75
N VAL A 631 -21.45 31.41 14.55
CA VAL A 631 -20.62 31.56 13.33
C VAL A 631 -21.20 32.64 12.42
N SER A 632 -20.38 33.53 11.87
CA SER A 632 -20.97 34.69 11.18
C SER A 632 -21.71 34.29 9.88
N PRO A 633 -22.74 35.08 9.47
CA PRO A 633 -23.39 34.84 8.17
C PRO A 633 -22.34 34.78 7.06
N GLY A 634 -21.30 35.63 7.14
CA GLY A 634 -20.27 35.68 6.09
C GLY A 634 -19.43 34.40 6.01
N PHE A 635 -19.42 33.61 7.09
CA PHE A 635 -18.66 32.36 7.13
C PHE A 635 -19.59 31.15 7.17
N SER A 636 -20.79 31.30 6.62
CA SER A 636 -21.76 30.20 6.60
C SER A 636 -22.13 29.90 5.17
N GLN A 637 -22.62 28.69 4.92
CA GLN A 637 -23.25 28.38 3.64
C GLN A 637 -24.66 29.04 3.59
N ASN A 638 -25.28 29.04 2.43
CA ASN A 638 -26.65 29.56 2.34
C ASN A 638 -27.50 28.62 1.52
N CYS A 639 -28.76 28.56 1.87
CA CYS A 639 -29.72 27.61 1.28
C CYS A 639 -30.10 27.99 -0.14
N LEU A 640 -30.00 29.26 -0.46
CA LEU A 640 -30.36 29.74 -1.78
C LEU A 640 -29.42 29.21 -2.88
N ALA A 641 -28.15 29.04 -2.54
CA ALA A 641 -27.20 28.45 -3.49
C ALA A 641 -27.64 27.04 -3.86
N TYR A 642 -28.06 26.22 -2.90
CA TYR A 642 -28.61 24.92 -3.24
C TYR A 642 -29.90 24.93 -4.07
N LYS A 643 -30.82 25.82 -3.70
CA LYS A 643 -32.06 26.00 -4.50
C LYS A 643 -31.73 26.30 -5.95
N ASN A 644 -30.85 27.26 -6.18
CA ASN A 644 -30.47 27.62 -7.55
C ASN A 644 -29.53 26.64 -8.30
N ASP A 645 -28.79 25.79 -7.57
CA ASP A 645 -27.91 24.77 -8.22
C ASP A 645 -28.75 23.54 -8.46
N LYS A 646 -29.15 23.34 -9.70
CA LYS A 646 -30.05 22.24 -10.01
C LYS A 646 -29.42 20.85 -9.90
N GLN A 647 -28.09 20.77 -9.98
CA GLN A 647 -27.35 19.49 -9.89
C GLN A 647 -27.03 19.07 -8.46
N MET A 648 -27.05 20.05 -7.54
CA MET A 648 -26.41 19.84 -6.24
C MET A 648 -27.43 19.93 -5.12
N SER A 649 -27.42 18.95 -4.23
CA SER A 649 -28.22 19.04 -3.04
C SER A 649 -27.28 19.12 -1.78
N TYR A 650 -27.77 18.77 -0.61
CA TYR A 650 -26.93 18.82 0.62
C TYR A 650 -27.29 17.71 1.59
N GLY A 651 -26.33 17.30 2.41
CA GLY A 651 -26.55 16.31 3.47
C GLY A 651 -25.92 16.86 4.73
N PHE A 652 -25.90 16.04 5.77
CA PHE A 652 -25.36 16.47 7.05
C PHE A 652 -24.29 15.48 7.43
N LEU A 653 -23.29 15.97 8.16
CA LEU A 653 -22.23 15.09 8.61
C LEU A 653 -22.62 14.26 9.82
N PHE A 654 -23.08 14.93 10.89
CA PHE A 654 -23.75 14.23 11.98
C PHE A 654 -25.17 13.89 11.56
N PRO A 655 -25.52 12.61 11.61
CA PRO A 655 -26.84 12.31 10.99
C PRO A 655 -28.06 12.64 11.94
N PRO A 656 -29.09 13.34 11.46
CA PRO A 656 -30.25 13.60 12.32
C PRO A 656 -30.93 12.30 12.80
N TYR A 657 -30.72 11.18 12.08
CA TYR A 657 -31.31 9.89 12.49
C TYR A 657 -30.84 9.37 13.82
N LEU A 658 -29.68 9.81 14.26
CA LEU A 658 -29.02 9.23 15.41
C LEU A 658 -28.99 10.19 16.61
N SER A 659 -29.73 11.27 16.48
CA SER A 659 -29.94 12.23 17.59
C SER A 659 -30.35 11.52 18.88
N SER A 660 -29.91 12.02 20.05
CA SER A 660 -30.19 11.34 21.31
C SER A 660 -31.60 11.67 21.84
N SER A 661 -32.22 12.74 21.33
CA SER A 661 -33.56 13.17 21.78
C SER A 661 -34.19 14.11 20.77
N PRO A 662 -35.54 14.25 20.80
CA PRO A 662 -36.21 15.21 19.92
C PRO A 662 -35.59 16.62 19.98
N GLU A 663 -35.24 17.09 21.16
CA GLU A 663 -34.62 18.42 21.26
C GLU A 663 -33.19 18.49 20.68
N ALA A 664 -32.39 17.46 20.92
CA ALA A 664 -31.00 17.45 20.43
C ALA A 664 -31.00 17.43 18.90
N LYS A 665 -32.04 16.80 18.34
CA LYS A 665 -32.18 16.68 16.90
C LYS A 665 -32.06 18.00 16.18
N TYR A 666 -32.53 19.12 16.78
CA TYR A 666 -32.42 20.43 16.11
C TYR A 666 -31.00 20.83 15.78
N ASP A 667 -30.05 20.43 16.63
CA ASP A 667 -28.61 20.70 16.41
C ASP A 667 -28.12 20.09 15.08
N ALA A 668 -28.67 18.95 14.73
CA ALA A 668 -28.25 18.29 13.47
C ALA A 668 -28.63 19.06 12.20
N PHE A 669 -29.57 20.01 12.33
CA PHE A 669 -29.97 20.81 11.20
C PHE A 669 -29.24 22.15 11.10
N LEU A 670 -28.26 22.38 11.97
CA LEU A 670 -27.45 23.59 11.85
C LEU A 670 -26.74 23.69 10.50
N VAL A 671 -26.71 24.89 9.97
CA VAL A 671 -26.06 25.16 8.71
C VAL A 671 -24.57 24.82 8.74
N THR A 672 -23.99 24.77 9.95
CA THR A 672 -22.63 24.40 10.15
C THR A 672 -22.40 22.88 10.17
N ASN A 673 -23.46 22.07 10.01
CA ASN A 673 -23.35 20.60 9.95
C ASN A 673 -23.68 20.14 8.50
N MET A 674 -23.95 21.11 7.62
CA MET A 674 -24.36 20.79 6.23
C MET A 674 -23.20 20.74 5.25
N VAL A 675 -23.29 19.83 4.28
CA VAL A 675 -22.24 19.69 3.28
C VAL A 675 -22.89 19.43 1.91
N PRO A 676 -22.21 19.83 0.83
CA PRO A 676 -22.88 19.64 -0.47
C PRO A 676 -22.80 18.19 -0.94
N MET A 677 -23.94 17.68 -1.44
CA MET A 677 -24.00 16.32 -1.90
C MET A 677 -24.88 16.21 -3.14
N TYR A 678 -24.34 15.61 -4.18
CA TYR A 678 -25.18 15.25 -5.33
C TYR A 678 -26.28 14.33 -4.86
N PRO A 679 -27.49 14.41 -5.45
CA PRO A 679 -28.58 13.52 -5.06
C PRO A 679 -28.21 12.04 -5.20
N ALA A 680 -27.42 11.67 -6.20
CA ALA A 680 -27.06 10.26 -6.40
C ALA A 680 -26.19 9.80 -5.23
N PHE A 681 -25.31 10.68 -4.82
CA PHE A 681 -24.51 10.38 -3.61
C PHE A 681 -25.30 10.37 -2.30
N LYS A 682 -26.31 11.22 -2.19
CA LYS A 682 -27.19 11.22 -1.01
CA LYS A 682 -27.19 11.22 -1.00
C LYS A 682 -27.83 9.86 -0.74
N ARG A 683 -28.14 9.10 -1.79
CA ARG A 683 -28.62 7.72 -1.61
C ARG A 683 -27.62 6.88 -0.79
N VAL A 684 -26.35 7.01 -1.11
CA VAL A 684 -25.29 6.22 -0.46
C VAL A 684 -25.16 6.68 1.00
N TRP A 685 -24.95 7.99 1.14
CA TRP A 685 -24.76 8.63 2.44
C TRP A 685 -25.89 8.38 3.46
N ALA A 686 -27.14 8.53 3.02
CA ALA A 686 -28.31 8.35 3.86
C ALA A 686 -28.40 6.89 4.33
N TYR A 687 -28.09 5.96 3.42
CA TYR A 687 -28.08 4.55 3.85
C TYR A 687 -27.00 4.26 4.89
N PHE A 688 -25.78 4.75 4.67
CA PHE A 688 -24.67 4.61 5.60
C PHE A 688 -25.12 5.16 6.96
N GLN A 689 -25.67 6.37 6.93
CA GLN A 689 -26.04 7.05 8.22
C GLN A 689 -27.27 6.47 8.97
N ARG A 690 -28.30 6.08 8.21
CA ARG A 690 -29.57 5.58 8.79
C ARG A 690 -29.43 4.11 9.17
N VAL A 691 -28.72 3.35 8.36
CA VAL A 691 -28.68 1.89 8.55
C VAL A 691 -27.33 1.34 9.04
N LEU A 692 -26.25 1.71 8.39
CA LEU A 692 -24.97 1.10 8.67
C LEU A 692 -24.27 1.51 9.96
N VAL A 693 -24.29 2.79 10.30
CA VAL A 693 -23.60 3.16 11.54
C VAL A 693 -24.21 2.36 12.71
N LYS A 694 -25.55 2.33 12.77
CA LYS A 694 -26.18 1.56 13.85
C LYS A 694 -25.80 0.05 13.83
N LYS A 695 -25.72 -0.49 12.63
CA LYS A 695 -25.32 -1.87 12.51
C LYS A 695 -23.91 -2.10 13.05
N TYR A 696 -22.98 -1.20 12.69
CA TYR A 696 -21.63 -1.31 13.25
C TYR A 696 -21.61 -1.16 14.78
N ALA A 697 -22.38 -0.22 15.30
CA ALA A 697 -22.44 -0.04 16.77
C ALA A 697 -22.93 -1.33 17.44
N SER A 698 -23.93 -1.96 16.83
CA SER A 698 -24.44 -3.26 17.34
C SER A 698 -23.36 -4.32 17.37
N GLU A 699 -22.66 -4.48 16.24
CA GLU A 699 -21.66 -5.50 16.06
C GLU A 699 -20.39 -5.26 16.85
N ARG A 700 -20.02 -3.99 17.09
CA ARG A 700 -18.70 -3.70 17.63
C ARG A 700 -18.80 -3.22 19.06
N ASN A 701 -20.04 -3.23 19.59
CA ASN A 701 -20.31 -2.70 20.95
C ASN A 701 -20.00 -1.21 21.07
N GLY A 702 -20.70 -0.44 20.24
CA GLY A 702 -20.45 1.00 20.22
C GLY A 702 -19.39 1.30 19.16
N VAL A 703 -19.57 2.42 18.49
CA VAL A 703 -18.49 2.98 17.65
C VAL A 703 -18.34 4.48 17.86
N ASN A 704 -17.14 4.98 17.64
CA ASN A 704 -16.92 6.40 17.48
C ASN A 704 -16.71 6.67 16.02
N VAL A 705 -17.36 7.69 15.47
CA VAL A 705 -17.27 8.01 14.07
C VAL A 705 -16.69 9.42 13.91
N ILE A 706 -15.72 9.53 13.02
CA ILE A 706 -15.28 10.85 12.53
C ILE A 706 -15.51 10.90 11.05
N SER A 707 -16.28 11.90 10.58
CA SER A 707 -16.53 12.02 9.17
C SER A 707 -16.14 13.39 8.68
N GLY A 708 -15.94 13.50 7.39
CA GLY A 708 -15.74 14.84 6.84
C GLY A 708 -15.55 14.81 5.33
N PRO A 709 -15.27 15.98 4.78
CA PRO A 709 -15.11 16.10 3.36
C PRO A 709 -13.63 15.96 2.96
N ILE A 710 -13.38 15.59 1.71
CA ILE A 710 -12.02 15.58 1.12
C ILE A 710 -12.02 16.34 -0.20
N PHE A 711 -11.00 17.16 -0.43
CA PHE A 711 -10.84 17.80 -1.74
C PHE A 711 -9.53 17.39 -2.37
N ASP A 712 -9.58 16.59 -3.44
CA ASP A 712 -8.35 16.20 -4.11
C ASP A 712 -8.60 16.28 -5.62
N TYR A 713 -8.76 17.52 -6.10
CA TYR A 713 -9.01 17.70 -7.53
C TYR A 713 -7.80 17.42 -8.42
N ASN A 714 -6.57 17.43 -7.93
CA ASN A 714 -5.43 17.10 -8.78
C ASN A 714 -4.95 15.66 -8.56
N TYR A 715 -5.79 14.88 -7.87
CA TYR A 715 -5.59 13.42 -7.68
C TYR A 715 -4.17 13.07 -7.25
N ASP A 716 -3.62 13.84 -6.32
CA ASP A 716 -2.26 13.51 -5.88
C ASP A 716 -2.23 12.84 -4.50
N GLY A 717 -3.42 12.60 -3.92
CA GLY A 717 -3.58 11.88 -2.65
C GLY A 717 -3.33 12.86 -1.51
N LEU A 718 -3.18 14.15 -1.82
CA LEU A 718 -2.87 15.14 -0.80
C LEU A 718 -3.89 16.29 -0.77
N ARG A 719 -4.14 16.83 0.42
CA ARG A 719 -5.18 17.85 0.55
CA ARG A 719 -5.11 17.90 0.62
C ARG A 719 -4.97 19.05 -0.40
N ASP A 720 -6.03 19.44 -1.06
CA ASP A 720 -6.00 20.63 -1.92
C ASP A 720 -5.99 21.90 -1.11
N THR A 721 -5.26 22.89 -1.63
CA THR A 721 -5.43 24.25 -1.13
C THR A 721 -6.66 24.84 -1.84
N GLU A 722 -7.17 25.97 -1.35
CA GLU A 722 -8.43 26.52 -1.82
C GLU A 722 -8.36 26.89 -3.32
N ASP A 723 -7.20 27.30 -3.79
CA ASP A 723 -7.09 27.65 -5.21
C ASP A 723 -6.97 26.49 -6.17
N GLU A 724 -7.04 25.25 -5.67
CA GLU A 724 -7.06 24.04 -6.52
C GLU A 724 -8.44 23.48 -6.76
N ILE A 725 -9.47 24.09 -6.13
CA ILE A 725 -10.83 23.58 -6.21
C ILE A 725 -11.46 23.84 -7.57
N LYS A 726 -11.91 22.81 -8.29
CA LYS A 726 -12.44 23.03 -9.64
C LYS A 726 -13.94 23.21 -9.72
N GLN A 727 -14.66 22.96 -8.62
CA GLN A 727 -16.10 23.03 -8.61
C GLN A 727 -16.64 23.61 -7.31
N TYR A 728 -17.59 24.52 -7.45
CA TYR A 728 -18.28 25.19 -6.34
C TYR A 728 -19.79 25.03 -6.55
N VAL A 729 -20.55 25.13 -5.46
CA VAL A 729 -22.00 25.12 -5.56
C VAL A 729 -22.32 26.40 -6.34
N GLU A 730 -23.13 26.25 -7.39
CA GLU A 730 -23.31 27.34 -8.38
C GLU A 730 -23.64 28.67 -7.71
N GLY A 731 -22.87 29.68 -8.06
CA GLY A 731 -23.08 31.03 -7.59
C GLY A 731 -22.54 31.30 -6.20
N SER A 732 -21.79 30.37 -5.62
CA SER A 732 -21.32 30.56 -4.25
C SER A 732 -19.85 30.30 -4.15
N SER A 733 -19.33 30.47 -2.94
CA SER A 733 -17.98 30.06 -2.65
C SER A 733 -17.93 28.74 -1.84
N ILE A 734 -18.98 27.94 -1.92
CA ILE A 734 -19.02 26.65 -1.18
C ILE A 734 -18.33 25.62 -2.11
N PRO A 735 -17.14 25.13 -1.70
CA PRO A 735 -16.37 24.16 -2.55
C PRO A 735 -17.02 22.76 -2.53
N VAL A 736 -16.97 22.02 -3.63
CA VAL A 736 -17.59 20.72 -3.64
C VAL A 736 -16.50 19.67 -3.37
N PRO A 737 -16.73 18.84 -2.36
CA PRO A 737 -15.75 17.80 -2.08
C PRO A 737 -15.66 16.78 -3.22
N THR A 738 -14.49 16.17 -3.42
CA THR A 738 -14.31 15.03 -4.39
C THR A 738 -14.67 13.76 -3.68
N HIS A 739 -14.59 13.74 -2.33
CA HIS A 739 -14.79 12.51 -1.57
C HIS A 739 -15.34 12.84 -0.18
N TYR A 740 -15.98 11.85 0.46
CA TYR A 740 -16.32 11.95 1.87
C TYR A 740 -15.71 10.76 2.62
N TYR A 741 -15.14 11.01 3.80
CA TYR A 741 -14.49 9.91 4.59
C TYR A 741 -15.26 9.65 5.86
N SER A 742 -15.05 8.45 6.41
CA SER A 742 -15.43 8.19 7.80
C SER A 742 -14.41 7.27 8.38
N ILE A 743 -14.10 7.53 9.65
CA ILE A 743 -13.19 6.68 10.44
C ILE A 743 -14.01 6.14 11.59
N ILE A 744 -14.07 4.83 11.72
CA ILE A 744 -14.99 4.21 12.68
C ILE A 744 -14.18 3.37 13.63
N THR A 745 -14.10 3.78 14.91
CA THR A 745 -13.15 3.21 15.86
C THR A 745 -13.97 2.59 17.00
N SER A 746 -13.46 1.49 17.53
CA SER A 746 -14.10 0.82 18.66
C SER A 746 -13.03 0.11 19.47
N CYS A 747 -13.43 -0.66 20.48
CA CYS A 747 -12.46 -1.33 21.33
C CYS A 747 -12.10 -2.68 20.70
N LEU A 748 -10.79 -3.01 20.65
CA LEU A 748 -10.40 -4.29 20.02
C LEU A 748 -10.98 -5.43 20.82
N ASP A 749 -11.04 -5.25 22.15
CA ASP A 749 -11.82 -6.20 23.01
C ASP A 749 -13.28 -5.73 23.08
N PHE A 750 -14.10 -6.29 22.22
CA PHE A 750 -15.47 -5.84 22.06
C PHE A 750 -16.43 -6.14 23.23
N THR A 751 -15.91 -6.76 24.30
CA THR A 751 -16.65 -6.84 25.56
C THR A 751 -16.61 -5.50 26.27
N GLN A 752 -15.71 -4.59 25.86
CA GLN A 752 -15.75 -3.25 26.39
C GLN A 752 -16.42 -2.29 25.38
N PRO A 753 -17.32 -1.41 25.87
CA PRO A 753 -17.95 -0.45 24.97
C PRO A 753 -16.93 0.55 24.40
N ALA A 754 -17.21 1.07 23.21
CA ALA A 754 -16.25 1.95 22.54
C ALA A 754 -15.86 3.12 23.44
N ASP A 755 -16.84 3.66 24.15
CA ASP A 755 -16.54 4.82 25.02
C ASP A 755 -15.91 4.48 26.40
N LYS A 756 -15.75 3.21 26.72
CA LYS A 756 -15.03 2.82 27.95
C LYS A 756 -14.06 1.68 27.65
N CYS A 757 -13.03 1.96 26.86
CA CYS A 757 -12.11 0.93 26.37
C CYS A 757 -10.74 1.16 27.04
N ASP A 758 -10.19 0.12 27.68
CA ASP A 758 -8.94 0.24 28.42
C ASP A 758 -7.69 -0.14 27.63
N GLY A 759 -7.84 -0.83 26.50
CA GLY A 759 -6.67 -1.29 25.74
C GLY A 759 -6.63 -0.92 24.25
N PRO A 760 -6.11 -1.85 23.42
CA PRO A 760 -6.00 -1.60 21.97
C PRO A 760 -7.34 -1.27 21.25
N LEU A 761 -7.23 -0.50 20.16
CA LEU A 761 -8.36 -0.04 19.41
C LEU A 761 -8.48 -0.88 18.14
N SER A 762 -9.65 -0.85 17.54
CA SER A 762 -9.93 -1.48 16.24
C SER A 762 -10.54 -0.38 15.34
N VAL A 763 -10.17 -0.32 14.07
CA VAL A 763 -10.64 0.76 13.20
C VAL A 763 -10.98 0.21 11.84
N SER A 764 -11.97 0.81 11.20
CA SER A 764 -12.14 0.63 9.76
C SER A 764 -12.52 2.03 9.20
N SER A 765 -12.13 2.31 7.99
CA SER A 765 -12.34 3.65 7.43
C SER A 765 -12.66 3.53 5.96
N PHE A 766 -13.21 4.60 5.40
CA PHE A 766 -13.45 4.61 3.96
C PHE A 766 -13.34 6.01 3.41
N ILE A 767 -13.14 6.10 2.10
CA ILE A 767 -13.00 7.40 1.43
C ILE A 767 -13.93 7.23 0.21
N LEU A 768 -15.15 7.68 0.33
CA LEU A 768 -16.15 7.39 -0.74
C LEU A 768 -16.05 8.49 -1.77
N PRO A 769 -16.02 8.13 -3.05
CA PRO A 769 -16.02 9.16 -4.07
C PRO A 769 -17.39 9.87 -4.13
N HIS A 770 -17.33 11.19 -4.30
CA HIS A 770 -18.52 11.99 -4.25
C HIS A 770 -18.95 12.20 -5.72
N ARG A 771 -19.70 11.26 -6.27
CA ARG A 771 -20.01 11.30 -7.72
C ARG A 771 -21.49 11.64 -8.02
N PRO A 772 -21.76 12.31 -9.15
CA PRO A 772 -23.13 12.71 -9.52
C PRO A 772 -23.97 11.55 -10.08
N ASP A 773 -23.39 10.37 -10.23
CA ASP A 773 -24.15 9.20 -10.65
C ASP A 773 -23.61 8.03 -9.89
N ASN A 774 -24.33 6.93 -9.95
CA ASN A 774 -23.90 5.74 -9.38
C ASN A 774 -23.53 4.72 -10.46
N ASP A 775 -22.90 5.20 -11.52
CA ASP A 775 -22.52 4.33 -12.65
C ASP A 775 -21.50 3.26 -12.23
N GLU A 776 -20.70 3.57 -11.21
CA GLU A 776 -19.79 2.54 -10.64
C GLU A 776 -20.50 1.32 -10.11
N SER A 777 -21.69 1.47 -9.58
CA SER A 777 -22.38 0.34 -8.99
C SER A 777 -23.44 -0.20 -9.99
N CYS A 778 -23.16 -1.34 -10.60
CA CYS A 778 -24.07 -1.86 -11.66
C CYS A 778 -25.46 -2.24 -11.15
N ASN A 779 -25.58 -2.52 -9.85
CA ASN A 779 -26.86 -2.85 -9.18
C ASN A 779 -27.55 -1.72 -8.47
N SER A 780 -27.21 -0.49 -8.84
CA SER A 780 -27.72 0.67 -8.13
C SER A 780 -29.24 1.00 -8.26
N SER A 781 -29.90 0.48 -9.29
CA SER A 781 -31.35 0.67 -9.34
C SER A 781 -32.05 -0.24 -8.31
N GLU A 782 -31.33 -1.18 -7.71
CA GLU A 782 -31.92 -1.98 -6.67
C GLU A 782 -31.87 -1.20 -5.34
N ASP A 783 -32.38 -1.84 -4.29
CA ASP A 783 -32.43 -1.21 -2.99
C ASP A 783 -31.00 -1.11 -2.43
N GLU A 784 -30.73 0.00 -1.72
CA GLU A 784 -29.41 0.27 -1.15
C GLU A 784 -28.83 -0.90 -0.39
N SER A 785 -29.69 -1.74 0.18
CA SER A 785 -29.24 -2.91 0.91
C SER A 785 -28.54 -3.94 0.02
N LYS A 786 -28.62 -3.76 -1.29
CA LYS A 786 -27.95 -4.69 -2.21
C LYS A 786 -26.64 -4.18 -2.80
N TRP A 787 -26.33 -2.89 -2.67
CA TRP A 787 -25.17 -2.36 -3.33
C TRP A 787 -24.36 -1.30 -2.55
N VAL A 788 -24.98 -0.66 -1.56
CA VAL A 788 -24.25 0.44 -0.90
C VAL A 788 -23.04 -0.08 -0.11
N GLU A 789 -23.24 -1.10 0.70
CA GLU A 789 -22.16 -1.54 1.54
C GLU A 789 -20.99 -2.11 0.71
N GLU A 790 -21.32 -2.76 -0.41
CA GLU A 790 -20.34 -3.25 -1.41
C GLU A 790 -19.49 -2.10 -1.95
N LEU A 791 -20.14 -0.98 -2.24
CA LEU A 791 -19.42 0.19 -2.65
C LEU A 791 -18.45 0.69 -1.58
N MET A 792 -18.93 0.77 -0.36
CA MET A 792 -18.09 1.24 0.74
C MET A 792 -16.88 0.35 0.99
N LYS A 793 -17.11 -0.97 0.99
CA LYS A 793 -16.03 -1.92 1.06
C LYS A 793 -14.97 -1.76 -0.04
N MET A 794 -15.37 -1.50 -1.29
CA MET A 794 -14.42 -1.26 -2.38
C MET A 794 -13.54 -0.03 -2.06
N HIS A 795 -14.11 0.96 -1.39
CA HIS A 795 -13.44 2.22 -1.02
C HIS A 795 -12.92 2.30 0.43
N THR A 796 -12.64 1.11 1.00
CA THR A 796 -12.01 1.03 2.27
C THR A 796 -10.65 1.77 2.22
N ALA A 797 -10.20 2.26 3.37
CA ALA A 797 -8.99 3.09 3.41
C ALA A 797 -8.31 3.00 4.76
N ARG A 798 -7.04 3.39 4.77
CA ARG A 798 -6.28 3.57 6.03
C ARG A 798 -6.51 4.91 6.59
N VAL A 799 -6.44 5.01 7.92
CA VAL A 799 -6.49 6.35 8.50
C VAL A 799 -5.39 7.23 7.92
N ARG A 800 -4.22 6.65 7.66
CA ARG A 800 -3.10 7.44 7.14
C ARG A 800 -3.44 8.03 5.76
N ASP A 801 -4.22 7.29 4.95
CA ASP A 801 -4.65 7.85 3.63
C ASP A 801 -5.53 9.14 3.83
N ILE A 802 -6.40 9.12 4.82
CA ILE A 802 -7.29 10.24 5.14
C ILE A 802 -6.40 11.35 5.66
N GLU A 803 -5.42 11.03 6.49
CA GLU A 803 -4.51 12.09 6.98
C GLU A 803 -3.86 12.89 5.85
N HIS A 804 -3.33 12.19 4.86
CA HIS A 804 -2.68 12.86 3.72
C HIS A 804 -3.72 13.77 3.02
N LEU A 805 -4.93 13.23 2.85
CA LEU A 805 -5.96 13.91 2.05
C LEU A 805 -6.59 15.08 2.76
N THR A 806 -6.37 15.22 4.07
CA THR A 806 -7.04 16.25 4.84
C THR A 806 -6.09 17.18 5.60
N GLY A 807 -4.82 16.81 5.74
CA GLY A 807 -3.84 17.62 6.60
C GLY A 807 -4.23 17.56 8.10
N LEU A 808 -4.94 16.50 8.49
CA LEU A 808 -5.32 16.27 9.92
C LEU A 808 -4.47 15.12 10.50
N ASP A 809 -4.28 15.14 11.82
CA ASP A 809 -3.60 14.05 12.51
C ASP A 809 -4.55 13.57 13.62
N PHE A 810 -4.94 12.29 13.58
CA PHE A 810 -5.97 11.70 14.49
C PHE A 810 -5.26 10.93 15.62
N TYR A 811 -6.06 10.47 16.58
CA TYR A 811 -5.59 9.68 17.74
C TYR A 811 -4.48 10.35 18.57
N ARG A 812 -4.61 11.65 18.81
CA ARG A 812 -3.54 12.42 19.49
C ARG A 812 -3.52 12.17 21.00
N LYS A 813 -4.65 11.75 21.56
CA LYS A 813 -4.78 11.53 23.00
C LYS A 813 -5.38 10.17 23.26
N THR A 814 -4.54 9.17 23.42
CA THR A 814 -5.02 7.85 23.81
C THR A 814 -4.11 7.34 24.94
N SER A 815 -4.48 6.23 25.54
CA SER A 815 -3.54 5.60 26.48
C SER A 815 -2.52 4.69 25.79
N ARG A 816 -2.50 4.67 24.46
CA ARG A 816 -1.61 3.75 23.72
C ARG A 816 -0.25 4.33 23.29
N SER A 817 0.74 3.46 23.07
CA SER A 817 2.08 3.90 22.64
C SER A 817 2.00 4.48 21.22
N TYR A 818 2.87 5.42 20.90
CA TYR A 818 2.70 6.13 19.65
C TYR A 818 2.95 5.14 18.50
N SER A 819 3.89 4.23 18.69
CA SER A 819 4.15 3.22 17.65
C SER A 819 2.95 2.34 17.36
N GLU A 820 2.24 1.95 18.41
CA GLU A 820 1.00 1.17 18.27
C GLU A 820 -0.07 1.97 17.48
N ILE A 821 -0.14 3.25 17.76
CA ILE A 821 -1.10 4.13 17.04
C ILE A 821 -0.69 4.26 15.57
N LEU A 822 0.60 4.40 15.31
CA LEU A 822 1.08 4.39 13.89
C LEU A 822 0.69 3.11 13.14
N THR A 823 0.84 1.96 13.79
CA THR A 823 0.35 0.72 13.23
C THR A 823 -1.20 0.74 12.98
N LEU A 824 -1.96 1.27 13.91
CA LEU A 824 -3.42 1.37 13.73
C LEU A 824 -3.72 2.27 12.54
N LYS A 825 -2.94 3.35 12.40
CA LYS A 825 -3.25 4.30 11.33
C LYS A 825 -2.88 3.72 9.94
N THR A 826 -2.02 2.72 9.90
CA THR A 826 -1.71 2.10 8.61
C THR A 826 -2.56 0.86 8.30
N TYR A 827 -3.37 0.45 9.26
CA TYR A 827 -4.29 -0.70 9.06
C TYR A 827 -5.31 -0.48 7.94
N LEU A 828 -5.51 -1.52 7.13
CA LEU A 828 -6.54 -1.46 6.09
C LEU A 828 -7.50 -2.62 6.36
N HIS A 829 -8.80 -2.36 6.46
CA HIS A 829 -9.76 -3.46 6.62
C HIS A 829 -10.12 -3.94 5.22
N THR A 830 -9.78 -5.17 4.86
CA THR A 830 -9.87 -5.53 3.43
C THR A 830 -11.14 -6.23 2.98
N TYR A 831 -11.86 -6.86 3.91
CA TYR A 831 -13.13 -7.59 3.60
C TYR A 831 -12.92 -8.85 2.78
N GLU A 832 -11.68 -9.29 2.64
CA GLU A 832 -11.40 -10.57 2.02
C GLU A 832 -11.70 -11.67 3.04
N SER A 833 -11.95 -12.90 2.59
CA SER A 833 -11.99 -14.01 3.55
C SER A 833 -10.60 -14.27 4.21
N GLU A 834 -10.56 -15.14 5.22
CA GLU A 834 -9.30 -15.46 5.91
C GLU A 834 -8.36 -16.33 5.06
N ILE A 835 -7.10 -15.91 4.91
CA ILE A 835 -6.10 -16.61 4.07
C ILE A 835 -5.98 -18.11 4.45
N GLY A 836 -6.21 -18.99 3.47
CA GLY A 836 -6.05 -20.45 3.63
C GLY A 836 -7.22 -21.36 3.20
N GLY A 837 -8.32 -20.78 2.73
CA GLY A 837 -9.53 -21.54 2.38
C GLY A 837 -10.76 -21.10 3.17
C1 NAG B . 4.66 9.52 -1.39
C2 NAG B . 3.69 10.72 -1.36
C3 NAG B . 4.18 11.82 -2.33
C4 NAG B . 5.62 12.20 -2.08
C5 NAG B . 6.52 10.95 -1.92
C6 NAG B . 7.97 11.35 -1.54
C7 NAG B . 1.33 10.37 -0.75
C8 NAG B . -0.05 9.93 -1.13
N2 NAG B . 2.33 10.29 -1.67
O3 NAG B . 3.36 12.99 -2.16
O4 NAG B . 6.11 12.79 -3.28
O5 NAG B . 5.94 10.03 -1.01
O6 NAG B . 7.99 12.12 -0.32
O7 NAG B . 1.52 10.83 0.39
C1 NAG B . 6.72 14.07 -3.16
C2 NAG B . 7.60 14.28 -4.41
C3 NAG B . 8.14 15.71 -4.39
C4 NAG B . 7.06 16.78 -4.13
C5 NAG B . 6.14 16.38 -2.94
C6 NAG B . 4.92 17.31 -2.81
C7 NAG B . 8.60 12.15 -5.22
C8 NAG B . 9.80 11.22 -5.21
N2 NAG B . 8.67 13.30 -4.51
O3 NAG B . 8.84 15.95 -5.61
O4 NAG B . 7.64 18.07 -3.90
O5 NAG B . 5.70 15.04 -3.09
O6 NAG B . 4.22 17.35 -4.07
O7 NAG B . 7.61 11.79 -5.88
C1 BMA B . 7.87 18.77 -5.17
C2 BMA B . 7.45 20.25 -5.06
C3 BMA B . 7.87 21.07 -6.31
C4 BMA B . 9.34 20.79 -6.69
C5 BMA B . 9.53 19.28 -6.86
C6 BMA B . 10.96 18.90 -7.28
O2 BMA B . 7.99 20.78 -3.87
O3 BMA B . 7.64 22.47 -6.11
O4 BMA B . 9.68 21.41 -7.91
O5 BMA B . 9.22 18.65 -5.62
O6 BMA B . 10.84 17.64 -7.89
C1 MAN B . 12.10 16.99 -8.22
C2 MAN B . 11.79 15.70 -9.02
C3 MAN B . 11.35 14.53 -8.08
C4 MAN B . 12.44 14.34 -7.01
C5 MAN B . 12.67 15.66 -6.23
C6 MAN B . 13.73 15.57 -5.11
O2 MAN B . 12.89 15.32 -9.83
O3 MAN B . 11.07 13.28 -8.73
O4 MAN B . 12.12 13.26 -6.16
O5 MAN B . 12.99 16.74 -7.12
O6 MAN B . 14.90 14.87 -5.51
C1 MAN B . 9.81 13.28 -9.47
C2 MAN B . 9.14 11.88 -9.50
C3 MAN B . 10.08 10.88 -10.22
C4 MAN B . 10.60 11.39 -11.56
C5 MAN B . 10.86 12.91 -11.60
C6 MAN B . 10.80 13.41 -13.03
O2 MAN B . 7.85 11.93 -10.16
O3 MAN B . 9.46 9.61 -10.48
O4 MAN B . 11.76 10.65 -11.91
O5 MAN B . 9.95 13.68 -10.83
O6 MAN B . 11.44 14.67 -13.07
C1 MAN B . 6.71 12.01 -9.26
C2 MAN B . 5.42 11.60 -10.01
C3 MAN B . 4.99 12.73 -10.95
C4 MAN B . 5.01 14.15 -10.33
C5 MAN B . 6.27 14.41 -9.48
C6 MAN B . 6.20 15.74 -8.71
O2 MAN B . 4.34 11.25 -9.14
O3 MAN B . 3.74 12.44 -11.47
O4 MAN B . 4.95 15.13 -11.35
O5 MAN B . 6.57 13.29 -8.62
O6 MAN B . 7.49 16.08 -8.20
C1 MAN B . 6.49 23.01 -6.84
C2 MAN B . 6.84 24.32 -7.59
C3 MAN B . 6.62 25.63 -6.81
C4 MAN B . 5.50 25.58 -5.78
C5 MAN B . 5.50 24.23 -5.05
C6 MAN B . 4.48 24.14 -3.91
O2 MAN B . 6.13 24.42 -8.81
O3 MAN B . 6.34 26.69 -7.69
O4 MAN B . 5.68 26.65 -4.89
O5 MAN B . 5.33 23.19 -6.02
O6 MAN B . 5.09 24.36 -2.66
C01 YAB C . 15.29 -5.97 -8.32
C04 YAB C . 15.48 -6.36 -10.74
C07 YAB C . 14.63 -5.23 -11.01
C11 YAB C . 15.46 -6.07 -5.74
O12 YAB C . 18.13 -7.19 -13.54
C13 YAB C . 15.94 -6.85 -4.69
C15 YAB C . 15.84 -6.46 -13.11
C16 YAB C . 15.01 -5.29 -3.13
C17 YAB C . 17.12 -6.25 -13.88
C18 YAB C . 15.70 -6.46 -3.39
C19 YAB C . 14.53 -4.50 -4.19
C21 YAB C . 13.18 -3.25 -10.15
C22 YAB C . 18.38 -8.04 -14.65
C23 YAB C . 16.95 -6.33 -15.35
C24 YAB C . 17.78 -7.40 -15.84
N02 YAB C . 15.81 -6.73 -9.37
C03 YAB C . 15.73 -6.53 -7.12
N05 YAB C . 16.59 -7.74 -8.83
N06 YAB C . 14.41 -4.81 -8.59
C08 YAB C . 16.55 -7.62 -7.44
C09 YAB C . 14.08 -4.45 -9.92
N10 YAB C . 16.03 -7.14 -11.81
C14 YAB C . 14.75 -4.88 -5.48
CL20 YAB C . 14.76 -4.79 -1.50
C01 ZIF D . 15.28 -5.94 -8.26
C04 ZIF D . 15.43 -6.34 -10.66
C07 ZIF D . 14.63 -5.19 -10.95
C11 ZIF D . 15.48 -6.03 -5.70
O12 ZIF D . 17.60 -8.07 -13.62
C13 ZIF D . 15.95 -6.83 -4.65
C15 ZIF D . 15.55 -6.93 -13.03
C16 ZIF D . 15.05 -5.23 -3.10
C17 ZIF D . 16.21 -7.96 -13.91
C18 ZIF D . 15.73 -6.42 -3.36
C19 ZIF D . 14.58 -4.44 -4.17
C21 ZIF D . 13.29 -3.12 -10.05
C22 ZIF D . 18.21 -8.61 -14.80
C23 ZIF D . 16.17 -7.65 -15.36
C24 ZIF D . 17.22 -8.49 -15.90
N02 ZIF D . 15.75 -6.71 -9.31
C03 ZIF D . 15.73 -6.52 -7.07
N05 ZIF D . 16.49 -7.77 -8.80
N06 ZIF D . 14.46 -4.74 -8.53
C08 ZIF D . 16.48 -7.64 -7.41
C09 ZIF D . 14.14 -4.37 -9.85
N10 ZIF D . 15.97 -7.23 -11.65
C14 ZIF D . 14.80 -4.85 -5.45
CL20 ZIF D . 14.83 -4.72 -1.47
ZN ZN E . 4.86 -13.07 -13.27
NA NA F . -30.19 21.91 -5.65
CA CA G . -4.60 17.28 -4.00
NA NA H . -36.39 25.00 5.12
C1 MLI I . 6.34 -9.84 -15.33
C2 MLI I . 5.52 -11.08 -14.92
C3 MLI I . 5.70 -8.58 -14.69
O6 MLI I . 6.07 -11.93 -14.21
O7 MLI I . 4.34 -11.24 -15.28
O8 MLI I . 5.71 -7.45 -15.23
O9 MLI I . 5.12 -8.70 -13.60
#